data_9IIC
#
_entry.id   9IIC
#
_cell.length_a   138.989
_cell.length_b   96.363
_cell.length_c   115.773
_cell.angle_alpha   90.00
_cell.angle_beta   118.82
_cell.angle_gamma   90.00
#
_symmetry.space_group_name_H-M   'C 1 2 1'
#
loop_
_entity.id
_entity.type
_entity.pdbx_description
1 polymer 'Serine/threonine-protein kinase 4 37kDa subunit'
2 polymer 'E3 ubiquitin-protein ligase RNF31'
3 non-polymer GLYCEROL
4 non-polymer 'ZINC ION'
5 water water
#
loop_
_entity_poly.entity_id
_entity_poly.type
_entity_poly.pdbx_seq_one_letter_code
_entity_poly.pdbx_strand_id
1 'polypeptide(L)'
;FRRQLKKLDEDSLTKQPEEVFDVLEKLGEGSYGSVYKAIHKETGQIVAIRQVPVESDLQEIIKEISIMQQCDSPHVVKYY
GSYFKNTDLWIVMEYCGAGSVSDIIRLRNKTLTEDEIATILQSTLKGLEYLHFMRKIHRDIKAGNILLNTEGHAKLADFG
VAGQLTDTMAKRNTVIGTPFWMAPEVIQEIGYNCVADIWSLGITAIEMAEGKPPYADIHPMRAIFMIPTNPPPTFRKPEL
WSDNFTDFVKQCLVKSPEQRATATQLLQHPFVRSAKGVSILRDLINEAMDVKLKRQESQQRE
;
B,A
2 'polypeptide(L)'
;AQGLAMYLQENGIDCPKCKFSYALARGGCMHFHCTQCRHQFCSGCYNAFYAKNKCPEPNCRVKKSLHGHHPRDCLFYLRD
WTALRLQKLLQDNNVMFNTEPPAGARAVPGGGCRVIEQKEVPNGLRDEACGKETPAGYAGLCQAHYKEYLVSLINAHSLD
PATLYEVEELETATERYLHVRPQPLAGEDPPAYQARLLQKLTEEVPLGQSIPRRR
;
C,D
#
# COMPACT_ATOMS: atom_id res chain seq x y z
N PHE A 1 26.53 39.16 -50.06
CA PHE A 1 25.19 39.09 -49.47
C PHE A 1 24.45 37.85 -49.95
N ARG A 2 23.20 38.04 -50.37
CA ARG A 2 22.47 37.02 -51.11
C ARG A 2 22.73 37.11 -52.60
N ARG A 3 23.51 38.09 -53.04
CA ARG A 3 24.03 38.07 -54.40
C ARG A 3 24.78 36.77 -54.67
N GLN A 4 25.55 36.30 -53.69
CA GLN A 4 26.18 34.98 -53.81
C GLN A 4 25.14 33.87 -53.88
N LEU A 5 24.10 33.95 -53.05
CA LEU A 5 23.04 32.94 -53.06
C LEU A 5 22.28 32.96 -54.39
N LYS A 6 22.03 34.15 -54.92
CA LYS A 6 21.30 34.27 -56.18
C LYS A 6 22.08 33.67 -57.34
N LYS A 7 23.41 33.81 -57.34
CA LYS A 7 24.23 33.11 -58.32
C LYS A 7 24.08 31.60 -58.16
N LEU A 8 24.02 31.13 -56.91
CA LEU A 8 23.80 29.72 -56.63
C LEU A 8 22.37 29.28 -56.97
N ASP A 9 21.45 30.21 -57.23
CA ASP A 9 20.07 29.85 -57.51
C ASP A 9 19.89 29.14 -58.83
N GLU A 10 20.90 29.14 -59.71
CA GLU A 10 20.85 28.36 -60.95
C GLU A 10 21.19 26.90 -60.65
N ASP A 11 20.33 26.28 -59.85
CA ASP A 11 20.43 24.87 -59.50
C ASP A 11 19.08 24.21 -59.72
N SER A 12 19.10 22.90 -59.94
CA SER A 12 17.89 22.15 -60.26
C SER A 12 17.23 21.69 -58.97
N LEU A 13 16.18 20.85 -59.08
CA LEU A 13 15.54 20.31 -57.90
C LEU A 13 16.39 19.22 -57.24
N THR A 14 17.18 18.49 -58.02
CA THR A 14 18.10 17.51 -57.44
C THR A 14 19.14 18.19 -56.57
N LYS A 15 19.66 19.33 -57.03
CA LYS A 15 20.70 20.05 -56.31
C LYS A 15 20.22 20.66 -55.00
N GLN A 16 18.92 20.68 -54.76
CA GLN A 16 18.38 21.39 -53.61
C GLN A 16 18.82 20.73 -52.31
N PRO A 17 19.37 21.48 -51.37
CA PRO A 17 19.71 20.90 -50.06
C PRO A 17 18.47 20.64 -49.21
N GLU A 18 18.69 20.24 -47.96
CA GLU A 18 17.63 19.90 -47.03
C GLU A 18 16.97 21.14 -46.42
N GLU A 19 17.31 22.34 -46.90
CA GLU A 19 16.54 23.54 -46.58
C GLU A 19 15.10 23.51 -47.10
N VAL A 20 14.65 22.43 -47.74
CA VAL A 20 13.27 22.31 -48.25
C VAL A 20 12.25 22.49 -47.14
N PHE A 21 12.58 22.08 -45.92
CA PHE A 21 11.71 22.28 -44.75
C PHE A 21 12.32 23.31 -43.81
N ASP A 22 11.45 23.98 -43.06
CA ASP A 22 11.85 24.96 -42.06
C ASP A 22 11.43 24.44 -40.69
N VAL A 23 12.42 23.99 -39.91
CA VAL A 23 12.16 23.50 -38.56
C VAL A 23 11.72 24.66 -37.67
N LEU A 24 10.71 24.42 -36.85
CA LEU A 24 10.11 25.46 -36.01
C LEU A 24 10.31 25.20 -34.53
N GLU A 25 9.81 24.07 -34.01
CA GLU A 25 9.84 23.79 -32.59
C GLU A 25 10.11 22.32 -32.36
N LYS A 26 10.69 22.01 -31.19
CA LYS A 26 10.83 20.64 -30.72
C LYS A 26 9.56 20.29 -29.96
N LEU A 27 8.66 19.53 -30.61
CA LEU A 27 7.38 19.20 -29.99
C LEU A 27 7.58 18.33 -28.76
N GLY A 28 8.33 17.23 -28.90
CA GLY A 28 8.63 16.38 -27.78
C GLY A 28 9.92 15.63 -27.99
N GLU A 29 10.86 15.75 -27.04
CA GLU A 29 12.15 15.09 -27.14
C GLU A 29 11.98 13.63 -26.72
N GLY A 30 11.24 12.90 -27.54
CA GLY A 30 10.95 11.52 -27.24
C GLY A 30 12.20 10.66 -27.28
N SER A 31 12.17 9.57 -26.51
CA SER A 31 13.33 8.70 -26.41
C SER A 31 13.63 8.01 -27.74
N TYR A 32 12.60 7.68 -28.52
CA TYR A 32 12.83 7.11 -29.84
C TYR A 32 13.59 8.10 -30.72
N GLY A 33 13.34 9.38 -30.54
CA GLY A 33 14.10 10.39 -31.24
C GLY A 33 13.52 11.76 -30.96
N SER A 34 14.38 12.76 -31.07
CA SER A 34 13.90 14.13 -31.00
C SER A 34 13.00 14.41 -32.18
N VAL A 35 11.83 14.99 -31.91
CA VAL A 35 10.80 15.20 -32.92
C VAL A 35 10.51 16.70 -33.01
N TYR A 36 10.59 17.24 -34.22
CA TYR A 36 10.44 18.68 -34.45
C TYR A 36 9.26 18.96 -35.37
N LYS A 37 8.55 20.03 -35.07
CA LYS A 37 7.57 20.58 -36.00
C LYS A 37 8.30 21.34 -37.11
N ALA A 38 7.70 21.31 -38.31
CA ALA A 38 8.33 21.98 -39.45
C ALA A 38 7.26 22.31 -40.47
N ILE A 39 7.59 23.24 -41.35
CA ILE A 39 6.73 23.67 -42.45
C ILE A 39 7.50 23.51 -43.75
N HIS A 40 6.90 22.81 -44.72
CA HIS A 40 7.46 22.75 -46.06
C HIS A 40 7.21 24.08 -46.76
N LYS A 41 8.28 24.72 -47.23
CA LYS A 41 8.16 26.07 -47.78
C LYS A 41 7.30 26.09 -49.03
N GLU A 42 7.46 25.09 -49.90
CA GLU A 42 6.79 25.10 -51.19
C GLU A 42 5.29 24.85 -51.04
N THR A 43 4.91 23.85 -50.24
CA THR A 43 3.50 23.51 -50.07
C THR A 43 2.82 24.28 -48.95
N GLY A 44 3.59 24.87 -48.03
CA GLY A 44 3.01 25.53 -46.88
C GLY A 44 2.41 24.59 -45.85
N GLN A 45 2.52 23.28 -46.05
CA GLN A 45 1.95 22.32 -45.13
C GLN A 45 2.89 22.10 -43.94
N ILE A 46 2.32 21.73 -42.81
CA ILE A 46 3.08 21.45 -41.60
C ILE A 46 3.35 19.96 -41.54
N VAL A 47 4.61 19.59 -41.30
CA VAL A 47 5.01 18.21 -41.14
C VAL A 47 5.70 18.06 -39.79
N ALA A 48 5.94 16.81 -39.41
CA ALA A 48 6.72 16.49 -38.23
C ALA A 48 8.00 15.78 -38.66
N ILE A 49 9.13 16.30 -38.23
CA ILE A 49 10.43 15.73 -38.58
C ILE A 49 10.96 15.03 -37.35
N ARG A 50 11.03 13.70 -37.41
CA ARG A 50 11.57 12.89 -36.31
C ARG A 50 13.06 12.67 -36.58
N GLN A 51 13.90 13.36 -35.82
CA GLN A 51 15.33 13.12 -35.90
C GLN A 51 15.66 11.79 -35.25
N VAL A 52 16.39 10.94 -35.98
CA VAL A 52 16.88 9.68 -35.43
C VAL A 52 18.38 9.81 -35.25
N PRO A 53 18.85 10.37 -34.13
CA PRO A 53 20.29 10.48 -33.90
C PRO A 53 20.86 9.16 -33.41
N VAL A 54 20.02 8.42 -32.68
CA VAL A 54 20.46 7.20 -32.04
C VAL A 54 20.93 6.20 -33.08
N GLU A 55 21.98 5.46 -32.75
CA GLU A 55 22.36 4.33 -33.58
C GLU A 55 21.50 3.13 -33.22
N SER A 56 20.17 3.32 -33.25
CA SER A 56 19.23 2.23 -33.06
C SER A 56 19.35 1.25 -34.23
N ASP A 57 18.63 0.14 -34.12
CA ASP A 57 18.57 -0.76 -35.26
C ASP A 57 17.91 0.00 -36.40
N LEU A 58 18.71 0.44 -37.37
CA LEU A 58 18.13 1.18 -38.49
C LEU A 58 17.24 0.28 -39.34
N GLN A 59 17.44 -1.04 -39.27
CA GLN A 59 16.45 -1.96 -39.80
C GLN A 59 15.14 -1.85 -39.04
N GLU A 60 15.21 -1.68 -37.71
CA GLU A 60 14.00 -1.48 -36.91
C GLU A 60 13.28 -0.19 -37.33
N ILE A 61 14.02 0.82 -37.76
CA ILE A 61 13.40 2.04 -38.26
C ILE A 61 12.94 1.87 -39.71
N ILE A 62 13.78 1.26 -40.54
CA ILE A 62 13.41 1.03 -41.93
C ILE A 62 12.19 0.11 -42.02
N LYS A 63 12.12 -0.88 -41.12
CA LYS A 63 10.93 -1.72 -41.07
C LYS A 63 9.69 -0.89 -40.71
N GLU A 64 9.85 0.06 -39.78
CA GLU A 64 8.74 0.97 -39.48
C GLU A 64 8.39 1.84 -40.68
N ILE A 65 9.41 2.33 -41.39
CA ILE A 65 9.17 3.16 -42.57
C ILE A 65 8.47 2.35 -43.65
N SER A 66 8.98 1.14 -43.93
CA SER A 66 8.41 0.33 -45.00
C SER A 66 6.96 -0.04 -44.72
N ILE A 67 6.61 -0.28 -43.46
CA ILE A 67 5.22 -0.47 -43.10
C ILE A 67 4.43 0.81 -43.34
N MET A 68 5.00 1.97 -42.96
CA MET A 68 4.33 3.24 -43.19
C MET A 68 4.13 3.50 -44.68
N GLN A 69 5.14 3.20 -45.50
CA GLN A 69 5.04 3.43 -46.94
C GLN A 69 3.92 2.59 -47.55
N GLN A 70 3.68 1.39 -47.02
CA GLN A 70 2.68 0.49 -47.58
C GLN A 70 1.26 0.90 -47.26
N CYS A 71 1.05 1.93 -46.43
CA CYS A 71 -0.27 2.32 -45.97
C CYS A 71 -0.68 3.64 -46.62
N ASP A 72 -1.87 3.66 -47.21
CA ASP A 72 -2.49 4.89 -47.68
C ASP A 72 -3.91 4.92 -47.12
N SER A 73 -4.08 5.60 -45.99
CA SER A 73 -5.36 5.76 -45.34
C SER A 73 -5.29 6.96 -44.42
N PRO A 74 -6.34 7.77 -44.32
CA PRO A 74 -6.31 8.92 -43.40
C PRO A 74 -6.29 8.52 -41.93
N HIS A 75 -6.50 7.24 -41.61
CA HIS A 75 -6.47 6.76 -40.24
C HIS A 75 -5.08 6.28 -39.80
N VAL A 76 -4.08 6.37 -40.67
CA VAL A 76 -2.72 5.94 -40.38
C VAL A 76 -1.78 7.10 -40.69
N VAL A 77 -0.86 7.39 -39.76
CA VAL A 77 0.08 8.48 -39.94
C VAL A 77 0.90 8.25 -41.21
N LYS A 78 0.94 9.25 -42.07
CA LYS A 78 1.59 9.14 -43.36
C LYS A 78 3.08 9.46 -43.26
N TYR A 79 3.83 8.97 -44.25
CA TYR A 79 5.27 9.17 -44.35
C TYR A 79 5.57 9.89 -45.66
N TYR A 80 6.43 10.91 -45.59
CA TYR A 80 6.68 11.78 -46.73
C TYR A 80 8.09 11.66 -47.30
N GLY A 81 9.07 11.30 -46.50
CA GLY A 81 10.43 11.16 -47.00
C GLY A 81 11.43 11.27 -45.87
N SER A 82 12.69 11.06 -46.25
CA SER A 82 13.80 11.10 -45.30
C SER A 82 14.98 11.84 -45.93
N TYR A 83 15.81 12.41 -45.06
CA TYR A 83 17.04 13.07 -45.50
C TYR A 83 18.05 13.00 -44.36
N PHE A 84 19.32 13.15 -44.72
CA PHE A 84 20.42 13.19 -43.76
C PHE A 84 20.92 14.62 -43.66
N LYS A 85 20.93 15.16 -42.45
CA LYS A 85 21.49 16.47 -42.16
C LYS A 85 22.37 16.36 -40.92
N ASN A 86 23.47 17.12 -40.91
CA ASN A 86 24.49 17.03 -39.86
C ASN A 86 25.00 15.59 -39.84
N THR A 87 24.91 14.87 -38.71
CA THR A 87 25.34 13.48 -38.63
C THR A 87 24.18 12.51 -38.55
N ASP A 88 22.94 12.98 -38.45
CA ASP A 88 21.80 12.14 -38.12
C ASP A 88 20.81 12.07 -39.27
N LEU A 89 19.95 11.04 -39.21
CA LEU A 89 18.88 10.88 -40.16
C LEU A 89 17.63 11.59 -39.66
N TRP A 90 16.97 12.33 -40.54
CA TRP A 90 15.70 12.99 -40.24
C TRP A 90 14.60 12.34 -41.06
N ILE A 91 13.45 12.11 -40.41
CA ILE A 91 12.33 11.41 -41.03
C ILE A 91 11.13 12.36 -41.02
N VAL A 92 10.63 12.68 -42.20
CA VAL A 92 9.48 13.57 -42.36
C VAL A 92 8.22 12.74 -42.45
N MET A 93 7.21 13.08 -41.64
CA MET A 93 5.98 12.32 -41.61
C MET A 93 4.82 13.25 -41.27
N GLU A 94 3.62 12.68 -41.25
CA GLU A 94 2.40 13.45 -41.05
C GLU A 94 2.37 14.11 -39.67
N TYR A 95 1.79 15.29 -39.60
CA TYR A 95 1.75 16.09 -38.38
C TYR A 95 0.40 15.95 -37.71
N CYS A 96 0.41 15.65 -36.41
CA CYS A 96 -0.79 15.53 -35.59
C CYS A 96 -0.63 16.48 -34.41
N GLY A 97 -1.33 17.62 -34.45
CA GLY A 97 -1.03 18.73 -33.56
C GLY A 97 -1.31 18.47 -32.10
N ALA A 98 -2.32 17.65 -31.79
CA ALA A 98 -2.67 17.42 -30.40
C ALA A 98 -1.68 16.49 -29.70
N GLY A 99 -1.14 15.51 -30.42
CA GLY A 99 -0.27 14.51 -29.82
C GLY A 99 -0.99 13.19 -29.61
N SER A 100 -0.34 12.32 -28.85
CA SER A 100 -0.94 11.03 -28.55
C SER A 100 -2.00 11.16 -27.46
N VAL A 101 -2.93 10.21 -27.43
CA VAL A 101 -4.02 10.23 -26.46
C VAL A 101 -3.47 10.18 -25.04
N SER A 102 -2.40 9.43 -24.83
CA SER A 102 -1.81 9.33 -23.49
C SER A 102 -1.39 10.70 -22.97
N ASP A 103 -0.74 11.50 -23.81
CA ASP A 103 -0.34 12.84 -23.39
C ASP A 103 -1.54 13.76 -23.19
N ILE A 104 -2.60 13.58 -23.98
CA ILE A 104 -3.82 14.37 -23.78
C ILE A 104 -4.38 14.12 -22.39
N ILE A 105 -4.45 12.85 -21.99
CA ILE A 105 -4.91 12.51 -20.64
C ILE A 105 -3.94 13.07 -19.61
N ARG A 106 -2.63 12.94 -19.87
CA ARG A 106 -1.63 13.40 -18.93
C ARG A 106 -1.65 14.92 -18.78
N LEU A 107 -1.65 15.64 -19.90
CA LEU A 107 -1.58 17.10 -19.86
C LEU A 107 -2.79 17.68 -19.13
N ARG A 108 -3.99 17.23 -19.48
CA ARG A 108 -5.20 17.68 -18.79
C ARG A 108 -5.31 17.08 -17.39
N ASN A 109 -4.47 16.10 -17.05
CA ASN A 109 -4.62 15.32 -15.83
C ASN A 109 -6.07 14.87 -15.67
N LYS A 110 -6.61 14.30 -16.75
CA LYS A 110 -8.04 14.06 -16.86
C LYS A 110 -8.27 12.79 -17.67
N THR A 111 -9.20 11.97 -17.21
CA THR A 111 -9.60 10.77 -17.94
C THR A 111 -10.65 11.12 -18.99
N LEU A 112 -10.65 10.35 -20.07
CA LEU A 112 -11.57 10.60 -21.17
C LEU A 112 -12.96 10.05 -20.84
N THR A 113 -13.98 10.82 -21.22
CA THR A 113 -15.35 10.40 -21.01
C THR A 113 -15.74 9.31 -22.02
N GLU A 114 -16.93 8.74 -21.83
CA GLU A 114 -17.39 7.66 -22.70
C GLU A 114 -17.51 8.12 -24.14
N ASP A 115 -18.21 9.24 -24.36
CA ASP A 115 -18.45 9.71 -25.72
C ASP A 115 -17.14 10.07 -26.42
N GLU A 116 -16.19 10.65 -25.69
CA GLU A 116 -14.88 10.93 -26.26
C GLU A 116 -14.18 9.64 -26.65
N ILE A 117 -14.33 8.59 -25.85
CA ILE A 117 -13.71 7.30 -26.16
C ILE A 117 -14.33 6.69 -27.41
N ALA A 118 -15.66 6.73 -27.52
CA ALA A 118 -16.33 6.09 -28.65
C ALA A 118 -15.93 6.74 -29.97
N THR A 119 -15.78 8.07 -29.98
CA THR A 119 -15.32 8.74 -31.20
C THR A 119 -13.88 8.35 -31.52
N ILE A 120 -12.99 8.46 -30.54
CA ILE A 120 -11.59 8.14 -30.77
C ILE A 120 -11.42 6.68 -31.17
N LEU A 121 -12.20 5.79 -30.55
CA LEU A 121 -12.09 4.37 -30.86
C LEU A 121 -12.75 4.01 -32.19
N GLN A 122 -13.78 4.76 -32.62
CA GLN A 122 -14.36 4.49 -33.93
C GLN A 122 -13.36 4.75 -35.04
N SER A 123 -12.62 5.86 -34.94
CA SER A 123 -11.62 6.17 -35.96
C SER A 123 -10.52 5.12 -35.99
N THR A 124 -10.05 4.69 -34.82
CA THR A 124 -9.00 3.67 -34.75
C THR A 124 -9.49 2.34 -35.29
N LEU A 125 -10.75 1.98 -35.03
CA LEU A 125 -11.29 0.74 -35.57
C LEU A 125 -11.34 0.76 -37.09
N LYS A 126 -11.66 1.92 -37.68
CA LYS A 126 -11.56 2.06 -39.12
C LYS A 126 -10.13 1.90 -39.59
N GLY A 127 -9.16 2.33 -38.78
CA GLY A 127 -7.76 2.09 -39.10
C GLY A 127 -7.39 0.62 -39.02
N LEU A 128 -7.87 -0.07 -37.99
CA LEU A 128 -7.59 -1.50 -37.86
C LEU A 128 -8.26 -2.29 -38.97
N GLU A 129 -9.46 -1.87 -39.38
CA GLU A 129 -10.14 -2.53 -40.49
C GLU A 129 -9.32 -2.42 -41.77
N TYR A 130 -8.73 -1.26 -42.01
CA TYR A 130 -7.91 -1.07 -43.20
C TYR A 130 -6.67 -1.96 -43.16
N LEU A 131 -6.00 -2.00 -42.01
CA LEU A 131 -4.74 -2.73 -41.92
C LEU A 131 -4.96 -4.24 -41.95
N HIS A 132 -5.95 -4.74 -41.20
CA HIS A 132 -6.24 -6.17 -41.21
C HIS A 132 -6.69 -6.62 -42.60
N PHE A 133 -7.45 -5.78 -43.30
CA PHE A 133 -7.83 -6.07 -44.67
C PHE A 133 -6.63 -6.27 -45.56
N MET A 134 -5.53 -5.54 -45.31
CA MET A 134 -4.30 -5.70 -46.06
C MET A 134 -3.41 -6.81 -45.51
N ARG A 135 -3.93 -7.62 -44.59
CA ARG A 135 -3.15 -8.66 -43.91
C ARG A 135 -1.91 -8.06 -43.24
N LYS A 136 -2.16 -6.98 -42.48
CA LYS A 136 -1.15 -6.34 -41.67
C LYS A 136 -1.63 -6.30 -40.22
N ILE A 137 -0.67 -6.24 -39.30
CA ILE A 137 -0.96 -6.15 -37.87
C ILE A 137 -0.17 -5.00 -37.28
N HIS A 138 -0.85 -4.12 -36.53
CA HIS A 138 -0.18 -2.96 -35.94
C HIS A 138 0.82 -3.38 -34.87
N ARG A 139 0.40 -4.27 -33.97
CA ARG A 139 1.20 -4.93 -32.93
C ARG A 139 1.53 -4.07 -31.72
N ASP A 140 1.18 -2.77 -31.70
CA ASP A 140 1.50 -1.93 -30.55
C ASP A 140 0.34 -0.97 -30.24
N ILE A 141 -0.89 -1.48 -30.22
CA ILE A 141 -2.04 -0.63 -29.93
C ILE A 141 -2.02 -0.18 -28.48
N LYS A 142 -2.08 1.13 -28.26
CA LYS A 142 -2.16 1.73 -26.94
C LYS A 142 -2.46 3.21 -27.12
N ALA A 143 -2.84 3.86 -26.01
CA ALA A 143 -3.26 5.26 -26.07
C ALA A 143 -2.13 6.17 -26.57
N GLY A 144 -0.90 5.89 -26.15
CA GLY A 144 0.24 6.68 -26.59
C GLY A 144 0.63 6.47 -28.04
N ASN A 145 0.00 5.51 -28.72
CA ASN A 145 0.25 5.27 -30.14
C ASN A 145 -0.94 5.68 -31.02
N ILE A 146 -1.85 6.48 -30.48
CA ILE A 146 -3.02 6.94 -31.21
C ILE A 146 -2.98 8.47 -31.20
N LEU A 147 -2.55 9.06 -32.30
CA LEU A 147 -2.37 10.50 -32.40
C LEU A 147 -3.65 11.17 -32.88
N LEU A 148 -3.86 12.40 -32.43
CA LEU A 148 -4.97 13.23 -32.88
C LEU A 148 -4.39 14.47 -33.54
N ASN A 149 -4.79 14.73 -34.78
CA ASN A 149 -4.41 15.99 -35.39
C ASN A 149 -5.18 17.14 -34.75
N THR A 150 -4.82 18.36 -35.14
CA THR A 150 -5.50 19.54 -34.61
C THR A 150 -6.99 19.54 -34.92
N GLU A 151 -7.41 18.81 -35.96
CA GLU A 151 -8.82 18.74 -36.31
C GLU A 151 -9.58 17.83 -35.36
N GLY A 152 -8.97 16.73 -34.93
CA GLY A 152 -9.63 15.82 -34.01
C GLY A 152 -9.75 14.40 -34.53
N HIS A 153 -8.93 14.04 -35.51
CA HIS A 153 -8.98 12.73 -36.12
C HIS A 153 -7.88 11.85 -35.54
N ALA A 154 -8.27 10.68 -35.03
CA ALA A 154 -7.31 9.72 -34.51
C ALA A 154 -6.52 9.07 -35.64
N LYS A 155 -5.26 8.79 -35.37
CA LYS A 155 -4.38 8.19 -36.37
C LYS A 155 -3.40 7.24 -35.70
N LEU A 156 -3.22 6.07 -36.32
CA LEU A 156 -2.29 5.07 -35.81
C LEU A 156 -0.86 5.41 -36.19
N ALA A 157 0.05 5.26 -35.24
CA ALA A 157 1.46 5.55 -35.45
C ALA A 157 2.30 4.54 -34.69
N ASP A 158 3.59 4.47 -35.05
CA ASP A 158 4.61 3.70 -34.33
C ASP A 158 4.22 2.22 -34.25
N PHE A 159 4.19 1.61 -35.43
CA PHE A 159 3.88 0.19 -35.54
C PHE A 159 4.84 -0.65 -34.72
N GLY A 160 4.30 -1.64 -34.02
CA GLY A 160 5.15 -2.64 -33.40
C GLY A 160 5.89 -3.45 -34.46
N VAL A 161 7.16 -3.70 -34.19
CA VAL A 161 8.03 -4.40 -35.14
C VAL A 161 8.24 -5.82 -34.64
N ALA A 162 8.01 -6.79 -35.53
CA ALA A 162 8.10 -8.19 -35.15
C ALA A 162 9.51 -8.55 -34.72
N GLY A 163 9.63 -9.08 -33.50
CA GLY A 163 10.94 -9.36 -32.93
C GLY A 163 11.56 -10.65 -33.46
N GLN A 164 12.81 -10.85 -33.07
CA GLN A 164 13.59 -12.02 -33.49
C GLN A 164 14.55 -12.46 -32.40
N GLY A 177 8.65 -6.40 -24.10
CA GLY A 177 8.67 -5.31 -23.14
C GLY A 177 7.54 -5.40 -22.12
N THR A 178 6.77 -4.32 -22.01
CA THR A 178 5.63 -4.31 -21.08
C THR A 178 4.47 -5.10 -21.66
N PRO A 179 3.92 -6.06 -20.91
CA PRO A 179 2.92 -6.97 -21.49
C PRO A 179 1.47 -6.55 -21.32
N PHE A 180 1.19 -5.42 -20.67
CA PHE A 180 -0.17 -5.11 -20.24
C PHE A 180 -1.16 -4.99 -21.39
N TRP A 181 -0.69 -4.69 -22.59
CA TRP A 181 -1.58 -4.61 -23.75
C TRP A 181 -1.55 -5.86 -24.61
N MET A 182 -0.67 -6.82 -24.31
CA MET A 182 -0.51 -7.98 -25.16
C MET A 182 -1.67 -8.97 -24.96
N ALA A 183 -2.09 -9.59 -26.06
CA ALA A 183 -3.10 -10.62 -26.02
C ALA A 183 -2.54 -11.88 -25.37
N PRO A 184 -3.41 -12.75 -24.84
CA PRO A 184 -2.91 -14.00 -24.23
C PRO A 184 -2.13 -14.86 -25.21
N GLU A 185 -2.64 -15.07 -26.42
CA GLU A 185 -1.95 -15.91 -27.37
C GLU A 185 -0.64 -15.30 -27.86
N VAL A 186 -0.49 -13.97 -27.79
CA VAL A 186 0.73 -13.35 -28.29
C VAL A 186 1.84 -13.41 -27.24
N ILE A 187 1.52 -13.31 -25.95
CA ILE A 187 2.54 -13.41 -24.91
C ILE A 187 2.97 -14.86 -24.73
N GLN A 188 2.01 -15.80 -24.80
CA GLN A 188 2.36 -17.22 -24.75
C GLN A 188 3.21 -17.64 -25.94
N GLU A 189 3.28 -16.81 -26.99
CA GLU A 189 4.12 -17.09 -28.16
C GLU A 189 3.65 -18.34 -28.89
N ILE A 190 2.33 -18.55 -28.90
CA ILE A 190 1.72 -19.67 -29.59
C ILE A 190 1.27 -19.30 -31.00
N GLY A 191 1.66 -18.13 -31.50
CA GLY A 191 1.20 -17.72 -32.82
C GLY A 191 -0.05 -16.85 -32.75
N TYR A 192 -0.10 -15.77 -33.52
CA TYR A 192 -1.22 -14.84 -33.43
C TYR A 192 -1.54 -14.30 -34.81
N ASN A 193 -2.66 -13.59 -34.90
CA ASN A 193 -3.17 -13.09 -36.17
C ASN A 193 -3.73 -11.69 -35.91
N CYS A 194 -4.57 -11.21 -36.83
CA CYS A 194 -5.02 -9.81 -36.80
C CYS A 194 -5.76 -9.47 -35.51
N VAL A 195 -6.53 -10.42 -34.96
CA VAL A 195 -7.40 -10.12 -33.83
C VAL A 195 -6.60 -9.86 -32.56
N ALA A 196 -5.28 -9.98 -32.65
CA ALA A 196 -4.43 -9.60 -31.52
C ALA A 196 -4.58 -8.12 -31.22
N ASP A 197 -4.69 -7.29 -32.26
CA ASP A 197 -4.92 -5.87 -32.05
C ASP A 197 -6.25 -5.59 -31.36
N ILE A 198 -7.23 -6.49 -31.52
CA ILE A 198 -8.52 -6.30 -30.86
C ILE A 198 -8.37 -6.41 -29.35
N TRP A 199 -7.52 -7.31 -28.87
CA TRP A 199 -7.29 -7.40 -27.43
C TRP A 199 -6.66 -6.12 -26.90
N SER A 200 -5.58 -5.67 -27.55
CA SER A 200 -4.93 -4.43 -27.13
C SER A 200 -5.88 -3.25 -27.26
N LEU A 201 -6.78 -3.31 -28.22
CA LEU A 201 -7.76 -2.25 -28.36
C LEU A 201 -8.63 -2.24 -27.14
N GLY A 202 -9.07 -3.41 -26.70
CA GLY A 202 -9.90 -3.45 -25.51
C GLY A 202 -9.18 -2.96 -24.27
N ILE A 203 -7.91 -3.32 -24.12
CA ILE A 203 -7.13 -2.81 -23.00
C ILE A 203 -6.95 -1.31 -23.11
N THR A 204 -6.72 -0.81 -24.33
CA THR A 204 -6.61 0.62 -24.55
C THR A 204 -7.89 1.34 -24.17
N ALA A 205 -9.04 0.73 -24.46
CA ALA A 205 -10.32 1.32 -24.08
C ALA A 205 -10.41 1.50 -22.57
N ILE A 206 -9.96 0.50 -21.82
CA ILE A 206 -9.92 0.64 -20.36
C ILE A 206 -8.92 1.72 -19.97
N GLU A 207 -7.76 1.76 -20.63
CA GLU A 207 -6.75 2.76 -20.32
C GLU A 207 -7.29 4.17 -20.53
N MET A 208 -8.10 4.37 -21.57
CA MET A 208 -8.70 5.67 -21.81
C MET A 208 -9.71 6.04 -20.72
N ALA A 209 -10.50 5.06 -20.28
CA ALA A 209 -11.58 5.35 -19.33
C ALA A 209 -11.07 5.56 -17.90
N GLU A 210 -9.99 4.88 -17.50
CA GLU A 210 -9.54 4.93 -16.12
C GLU A 210 -8.06 5.28 -15.97
N GLY A 211 -7.37 5.63 -17.07
CA GLY A 211 -6.04 6.18 -17.01
C GLY A 211 -4.91 5.16 -17.03
N LYS A 212 -5.20 3.90 -16.75
CA LYS A 212 -4.19 2.86 -16.74
C LYS A 212 -4.79 1.57 -17.30
N PRO A 213 -3.98 0.71 -17.91
CA PRO A 213 -4.45 -0.62 -18.29
C PRO A 213 -4.63 -1.49 -17.06
N PRO A 214 -5.44 -2.53 -17.14
CA PRO A 214 -5.44 -3.53 -16.07
C PRO A 214 -4.08 -4.18 -15.96
N TYR A 215 -3.69 -4.51 -14.73
CA TYR A 215 -2.38 -5.03 -14.36
C TYR A 215 -1.28 -3.98 -14.42
N ALA A 216 -1.64 -2.69 -14.56
CA ALA A 216 -0.62 -1.65 -14.64
C ALA A 216 0.20 -1.58 -13.38
N ASP A 217 -0.45 -1.70 -12.22
CA ASP A 217 0.24 -1.68 -10.94
C ASP A 217 0.96 -2.99 -10.63
N ILE A 218 0.89 -3.96 -11.53
CA ILE A 218 1.52 -5.26 -11.37
C ILE A 218 2.86 -5.26 -12.09
N HIS A 219 3.86 -5.90 -11.49
CA HIS A 219 5.19 -5.96 -12.07
C HIS A 219 5.16 -6.76 -13.38
N PRO A 220 5.94 -6.35 -14.39
CA PRO A 220 5.91 -7.07 -15.68
C PRO A 220 6.26 -8.55 -15.57
N MET A 221 7.31 -8.90 -14.84
CA MET A 221 7.68 -10.30 -14.67
C MET A 221 6.57 -11.10 -14.01
N ARG A 222 5.68 -10.43 -13.27
CA ARG A 222 4.49 -11.09 -12.74
C ARG A 222 3.37 -11.14 -13.79
N ALA A 223 3.10 -10.00 -14.44
CA ALA A 223 1.98 -9.92 -15.36
C ALA A 223 2.12 -10.88 -16.53
N ILE A 224 3.35 -11.21 -16.91
CA ILE A 224 3.58 -12.14 -18.02
C ILE A 224 2.94 -13.49 -17.75
N PHE A 225 2.88 -13.89 -16.47
CA PHE A 225 2.30 -15.18 -16.10
C PHE A 225 0.80 -15.10 -15.85
N MET A 226 0.32 -13.99 -15.27
CA MET A 226 -1.08 -13.89 -14.89
C MET A 226 -2.00 -13.71 -16.09
N ILE A 227 -1.61 -12.83 -17.03
CA ILE A 227 -2.51 -12.48 -18.13
C ILE A 227 -2.97 -13.69 -18.93
N PRO A 228 -2.09 -14.62 -19.34
CA PRO A 228 -2.58 -15.77 -20.13
C PRO A 228 -3.58 -16.66 -19.41
N THR A 229 -3.47 -16.82 -18.09
CA THR A 229 -4.23 -17.83 -17.37
C THR A 229 -5.30 -17.25 -16.45
N ASN A 230 -5.67 -15.99 -16.63
CA ASN A 230 -6.62 -15.32 -15.76
C ASN A 230 -7.82 -14.82 -16.55
N PRO A 231 -8.95 -14.58 -15.88
CA PRO A 231 -10.13 -14.11 -16.60
C PRO A 231 -9.86 -12.78 -17.27
N PRO A 232 -10.53 -12.50 -18.39
CA PRO A 232 -10.36 -11.21 -19.06
C PRO A 232 -10.69 -10.06 -18.14
N PRO A 233 -9.90 -8.99 -18.18
CA PRO A 233 -10.08 -7.90 -17.22
C PRO A 233 -11.33 -7.08 -17.52
N THR A 234 -11.65 -6.19 -16.58
CA THR A 234 -12.85 -5.37 -16.66
C THR A 234 -12.55 -4.02 -16.00
N PHE A 235 -13.59 -3.22 -15.83
CA PHE A 235 -13.45 -1.91 -15.20
C PHE A 235 -13.22 -2.06 -13.70
N ARG A 236 -12.38 -1.18 -13.15
CA ARG A 236 -12.11 -1.21 -11.71
C ARG A 236 -13.38 -0.91 -10.91
N LYS A 237 -14.24 -0.04 -11.43
CA LYS A 237 -15.53 0.28 -10.81
C LYS A 237 -16.60 0.20 -11.89
N PRO A 238 -17.06 -1.02 -12.19
CA PRO A 238 -17.92 -1.22 -13.37
C PRO A 238 -19.32 -0.60 -13.24
N GLU A 239 -19.64 0.06 -12.14
CA GLU A 239 -20.94 0.72 -12.03
C GLU A 239 -20.93 2.12 -12.63
N LEU A 240 -19.79 2.57 -13.15
CA LEU A 240 -19.65 3.91 -13.71
C LEU A 240 -19.82 3.96 -15.22
N TRP A 241 -20.17 2.84 -15.85
CA TRP A 241 -20.09 2.73 -17.31
C TRP A 241 -21.36 2.12 -17.88
N SER A 242 -21.67 2.52 -19.11
CA SER A 242 -22.87 2.06 -19.79
C SER A 242 -22.75 0.59 -20.17
N ASP A 243 -23.90 -0.03 -20.44
CA ASP A 243 -23.92 -1.43 -20.87
C ASP A 243 -23.18 -1.62 -22.18
N ASN A 244 -23.36 -0.71 -23.14
CA ASN A 244 -22.68 -0.84 -24.42
C ASN A 244 -21.16 -0.76 -24.24
N PHE A 245 -20.69 0.11 -23.34
CA PHE A 245 -19.25 0.23 -23.10
C PHE A 245 -18.69 -1.05 -22.50
N THR A 246 -19.35 -1.60 -21.48
CA THR A 246 -18.87 -2.84 -20.86
C THR A 246 -18.96 -4.01 -21.83
N ASP A 247 -20.06 -4.10 -22.59
CA ASP A 247 -20.19 -5.17 -23.56
C ASP A 247 -19.13 -5.05 -24.66
N PHE A 248 -18.84 -3.83 -25.11
CA PHE A 248 -17.80 -3.64 -26.11
C PHE A 248 -16.44 -4.08 -25.59
N VAL A 249 -16.12 -3.69 -24.36
CA VAL A 249 -14.87 -4.13 -23.74
C VAL A 249 -14.87 -5.64 -23.57
N LYS A 250 -16.02 -6.21 -23.18
CA LYS A 250 -16.11 -7.66 -23.04
C LYS A 250 -15.86 -8.37 -24.36
N GLN A 251 -16.41 -7.82 -25.45
CA GLN A 251 -16.25 -8.45 -26.77
C GLN A 251 -14.86 -8.23 -27.35
N CYS A 252 -14.14 -7.18 -26.93
CA CYS A 252 -12.76 -7.03 -27.32
C CYS A 252 -11.85 -7.98 -26.54
N LEU A 253 -12.15 -8.21 -25.26
CA LEU A 253 -11.29 -8.98 -24.39
C LEU A 253 -11.84 -10.40 -24.27
N VAL A 254 -11.59 -11.18 -25.32
CA VAL A 254 -11.91 -12.61 -25.36
C VAL A 254 -10.60 -13.36 -25.57
N LYS A 255 -10.32 -14.30 -24.67
CA LYS A 255 -9.01 -14.94 -24.68
C LYS A 255 -8.80 -15.82 -25.91
N SER A 256 -9.81 -16.57 -26.31
CA SER A 256 -9.69 -17.38 -27.51
C SER A 256 -9.67 -16.48 -28.74
N PRO A 257 -8.55 -16.39 -29.46
CA PRO A 257 -8.50 -15.46 -30.60
C PRO A 257 -9.51 -15.77 -31.69
N GLU A 258 -9.78 -17.05 -31.94
CA GLU A 258 -10.76 -17.42 -32.96
C GLU A 258 -12.15 -16.94 -32.59
N GLN A 259 -12.46 -16.90 -31.28
CA GLN A 259 -13.74 -16.37 -30.83
C GLN A 259 -13.76 -14.85 -30.78
N ARG A 260 -12.59 -14.21 -30.73
CA ARG A 260 -12.53 -12.77 -30.55
C ARG A 260 -13.13 -12.03 -31.74
N ALA A 261 -13.90 -10.99 -31.45
CA ALA A 261 -14.56 -10.21 -32.48
C ALA A 261 -13.53 -9.46 -33.33
N THR A 262 -13.86 -9.29 -34.61
CA THR A 262 -12.97 -8.60 -35.54
C THR A 262 -13.29 -7.11 -35.60
N ALA A 263 -12.40 -6.36 -36.24
CA ALA A 263 -12.55 -4.91 -36.32
C ALA A 263 -13.82 -4.53 -37.08
N THR A 264 -14.16 -5.30 -38.12
CA THR A 264 -15.37 -5.02 -38.88
C THR A 264 -16.61 -5.18 -38.00
N GLN A 265 -16.69 -6.27 -37.25
CA GLN A 265 -17.85 -6.51 -36.40
C GLN A 265 -17.98 -5.45 -35.32
N LEU A 266 -16.86 -5.02 -34.75
CA LEU A 266 -16.91 -4.01 -33.68
C LEU A 266 -17.41 -2.67 -34.20
N LEU A 267 -17.17 -2.36 -35.47
CA LEU A 267 -17.64 -1.09 -36.03
C LEU A 267 -19.16 -1.00 -36.05
N GLN A 268 -19.85 -2.14 -36.04
CA GLN A 268 -21.31 -2.17 -35.95
C GLN A 268 -21.80 -2.34 -34.53
N HIS A 269 -20.91 -2.41 -33.55
CA HIS A 269 -21.31 -2.51 -32.16
C HIS A 269 -21.98 -1.21 -31.72
N PRO A 270 -23.02 -1.28 -30.87
CA PRO A 270 -23.76 -0.07 -30.50
C PRO A 270 -22.90 1.03 -29.91
N PHE A 271 -21.88 0.69 -29.13
CA PHE A 271 -21.01 1.71 -28.53
C PHE A 271 -20.29 2.50 -29.62
N VAL A 272 -19.78 1.81 -30.64
CA VAL A 272 -19.02 2.46 -31.69
C VAL A 272 -19.93 3.03 -32.77
N ARG A 273 -20.98 2.28 -33.14
CA ARG A 273 -21.80 2.66 -34.28
C ARG A 273 -22.50 4.00 -34.07
N SER A 274 -22.80 4.35 -32.82
CA SER A 274 -23.49 5.60 -32.50
C SER A 274 -22.52 6.71 -32.11
N ALA A 275 -21.23 6.54 -32.37
CA ALA A 275 -20.24 7.52 -31.93
C ALA A 275 -20.52 8.90 -32.52
N LYS A 276 -20.36 9.92 -31.69
CA LYS A 276 -20.61 11.28 -32.12
C LYS A 276 -19.48 11.77 -33.03
N GLY A 277 -19.69 12.93 -33.61
CA GLY A 277 -18.70 13.50 -34.51
C GLY A 277 -17.46 13.98 -33.78
N VAL A 278 -16.45 14.32 -34.58
CA VAL A 278 -15.17 14.80 -34.07
C VAL A 278 -15.34 16.06 -33.23
N SER A 279 -16.46 16.78 -33.40
CA SER A 279 -16.67 18.05 -32.71
C SER A 279 -16.68 17.93 -31.19
N ILE A 280 -16.94 16.74 -30.65
CA ILE A 280 -16.95 16.61 -29.18
C ILE A 280 -15.53 16.69 -28.61
N LEU A 281 -14.54 16.21 -29.36
CA LEU A 281 -13.15 16.30 -28.90
C LEU A 281 -12.62 17.72 -28.91
N ARG A 282 -13.37 18.67 -29.48
CA ARG A 282 -12.88 20.03 -29.66
C ARG A 282 -12.37 20.65 -28.37
N ASP A 283 -13.14 20.51 -27.28
CA ASP A 283 -12.78 21.18 -26.03
C ASP A 283 -11.52 20.58 -25.41
N LEU A 284 -11.40 19.25 -25.41
CA LEU A 284 -10.22 18.65 -24.78
C LEU A 284 -8.96 18.87 -25.60
N ILE A 285 -9.09 18.97 -26.92
CA ILE A 285 -7.92 19.23 -27.76
C ILE A 285 -7.40 20.65 -27.53
N ASN A 286 -8.32 21.61 -27.36
CA ASN A 286 -7.90 22.96 -27.00
C ASN A 286 -7.23 22.98 -25.62
N GLU A 287 -7.76 22.18 -24.69
CA GLU A 287 -7.18 22.12 -23.34
C GLU A 287 -5.75 21.58 -23.39
N ALA A 288 -5.55 20.46 -24.09
CA ALA A 288 -4.23 19.83 -24.10
C ALA A 288 -3.19 20.70 -24.78
N MET A 289 -3.54 21.33 -25.91
CA MET A 289 -2.57 22.12 -26.65
C MET A 289 -2.28 23.45 -25.97
N ASP A 290 -3.13 23.88 -25.05
CA ASP A 290 -2.82 25.08 -24.28
C ASP A 290 -1.80 24.78 -23.18
N VAL A 291 -1.89 23.60 -22.58
CA VAL A 291 -0.88 23.19 -21.59
C VAL A 291 0.46 22.98 -22.27
N LYS A 292 0.47 22.57 -23.54
CA LYS A 292 1.71 22.44 -24.28
C LYS A 292 2.34 23.81 -24.55
N LEU A 293 1.52 24.82 -24.87
CA LEU A 293 2.05 26.14 -25.16
C LEU A 293 2.68 26.78 -23.93
N LYS A 294 2.00 26.69 -22.78
CA LYS A 294 2.59 27.21 -21.55
C LYS A 294 3.82 26.42 -21.14
N ARG A 295 3.86 25.13 -21.47
CA ARG A 295 5.02 24.30 -21.13
C ARG A 295 6.27 24.77 -21.86
N GLN A 296 6.12 25.32 -23.07
CA GLN A 296 7.25 25.81 -23.83
C GLN A 296 7.70 27.20 -23.43
N GLU A 297 6.79 28.01 -22.84
CA GLU A 297 7.16 29.34 -22.40
C GLU A 297 8.00 29.33 -21.14
N SER A 298 7.94 28.24 -20.36
CA SER A 298 8.69 28.16 -19.11
C SER A 298 10.08 27.58 -19.28
N GLN A 299 10.27 26.71 -20.29
CA GLN A 299 11.60 26.12 -20.50
C GLN A 299 12.57 27.12 -21.12
N GLN A 300 12.07 28.05 -21.93
CA GLN A 300 12.93 29.10 -22.48
C GLN A 300 13.32 30.07 -21.38
N ARG A 301 14.57 30.53 -21.41
CA ARG A 301 15.04 31.47 -20.39
C ARG A 301 14.27 32.79 -20.44
N GLU A 302 13.73 33.14 -21.61
CA GLU A 302 12.97 34.37 -21.76
C GLU A 302 11.59 34.07 -22.36
N ALA B 1 15.97 -11.06 -12.74
CA ALA B 1 15.25 -11.70 -13.83
C ALA B 1 16.12 -12.72 -14.54
N GLN B 2 15.47 -13.66 -15.24
CA GLN B 2 16.15 -14.77 -15.92
C GLN B 2 16.97 -15.61 -14.95
N GLY B 3 16.55 -15.65 -13.69
CA GLY B 3 17.25 -16.35 -12.63
C GLY B 3 16.32 -17.34 -11.95
N LEU B 4 16.72 -17.88 -10.79
CA LEU B 4 15.82 -18.75 -10.05
C LEU B 4 14.59 -18.00 -9.58
N ALA B 5 14.64 -16.66 -9.55
CA ALA B 5 13.46 -15.89 -9.18
C ALA B 5 12.33 -16.11 -10.19
N MET B 6 12.68 -16.27 -11.47
CA MET B 6 11.67 -16.60 -12.47
C MET B 6 11.05 -17.97 -12.20
N TYR B 7 11.87 -18.95 -11.80
CA TYR B 7 11.35 -20.28 -11.47
C TYR B 7 10.34 -20.19 -10.34
N LEU B 8 10.64 -19.40 -9.31
CA LEU B 8 9.74 -19.27 -8.17
C LEU B 8 8.40 -18.68 -8.61
N GLN B 9 8.44 -17.63 -9.41
CA GLN B 9 7.22 -16.92 -9.79
C GLN B 9 6.41 -17.62 -10.87
N GLU B 10 7.05 -18.47 -11.70
CA GLU B 10 6.30 -19.24 -12.68
C GLU B 10 5.21 -20.06 -12.00
N ASN B 11 5.61 -20.80 -10.96
CA ASN B 11 4.67 -21.59 -10.18
C ASN B 11 3.86 -20.70 -9.25
N GLY B 12 4.50 -19.69 -8.66
CA GLY B 12 3.81 -18.63 -7.93
C GLY B 12 2.78 -19.16 -6.96
N ILE B 13 1.69 -18.41 -6.81
CA ILE B 13 0.57 -18.79 -5.95
C ILE B 13 -0.71 -18.74 -6.77
N ASP B 14 -1.48 -19.82 -6.74
CA ASP B 14 -2.79 -19.89 -7.37
C ASP B 14 -3.83 -20.20 -6.30
N CYS B 15 -4.91 -19.45 -6.30
CA CYS B 15 -5.99 -19.70 -5.35
C CYS B 15 -6.64 -21.05 -5.63
N PRO B 16 -6.81 -21.90 -4.63
CA PRO B 16 -7.49 -23.19 -4.88
C PRO B 16 -8.98 -23.05 -5.15
N LYS B 17 -9.67 -22.11 -4.49
CA LYS B 17 -11.13 -22.04 -4.64
C LYS B 17 -11.52 -21.55 -6.02
N CYS B 18 -10.88 -20.47 -6.49
CA CYS B 18 -11.02 -20.01 -7.85
C CYS B 18 -9.66 -20.07 -8.53
N LYS B 19 -9.63 -20.58 -9.76
CA LYS B 19 -8.37 -20.81 -10.48
C LYS B 19 -7.81 -19.46 -10.93
N PHE B 20 -7.24 -18.73 -9.99
CA PHE B 20 -6.67 -17.42 -10.25
C PHE B 20 -5.18 -17.45 -9.96
N SER B 21 -4.40 -17.06 -10.96
CA SER B 21 -2.94 -17.09 -10.86
C SER B 21 -2.41 -15.77 -10.30
N TYR B 22 -1.51 -15.88 -9.34
CA TYR B 22 -0.67 -14.78 -8.89
C TYR B 22 0.77 -15.23 -9.06
N ALA B 23 1.62 -14.34 -9.58
CA ALA B 23 3.03 -14.69 -9.76
C ALA B 23 3.82 -14.30 -8.53
N LEU B 24 3.35 -14.73 -7.36
CA LEU B 24 3.84 -14.28 -6.08
C LEU B 24 4.44 -15.47 -5.33
N ALA B 25 5.63 -15.28 -4.78
CA ALA B 25 6.30 -16.33 -4.01
C ALA B 25 5.63 -16.50 -2.64
N ARG B 26 6.02 -17.58 -1.95
CA ARG B 26 5.51 -17.87 -0.61
C ARG B 26 6.45 -17.30 0.44
N GLY B 27 5.88 -16.57 1.38
CA GLY B 27 6.66 -15.96 2.43
C GLY B 27 5.75 -15.10 3.28
N GLY B 28 6.28 -14.66 4.41
CA GLY B 28 5.46 -13.82 5.27
C GLY B 28 4.33 -14.60 5.90
N CYS B 29 3.13 -14.03 5.78
CA CYS B 29 1.96 -14.55 6.48
C CYS B 29 1.69 -16.02 6.13
N MET B 30 1.62 -16.33 4.83
CA MET B 30 1.33 -17.66 4.29
C MET B 30 -0.12 -18.13 4.50
N HIS B 31 -0.93 -17.42 5.29
CA HIS B 31 -2.37 -17.63 5.21
C HIS B 31 -2.90 -16.54 4.28
N PHE B 32 -3.38 -16.96 3.12
CA PHE B 32 -3.57 -16.07 1.98
C PHE B 32 -5.07 -15.84 1.78
N HIS B 33 -5.45 -14.57 1.65
CA HIS B 33 -6.84 -14.20 1.39
C HIS B 33 -6.95 -13.89 -0.10
N CYS B 34 -7.75 -14.67 -0.81
CA CYS B 34 -7.92 -14.43 -2.24
C CYS B 34 -8.74 -13.16 -2.43
N THR B 35 -8.24 -12.26 -3.27
CA THR B 35 -8.96 -11.02 -3.53
C THR B 35 -10.16 -11.26 -4.44
N GLN B 36 -10.11 -12.30 -5.27
CA GLN B 36 -11.19 -12.58 -6.21
C GLN B 36 -12.38 -13.22 -5.53
N CYS B 37 -12.15 -14.11 -4.54
CA CYS B 37 -13.26 -14.83 -3.93
C CYS B 37 -13.18 -14.88 -2.41
N ARG B 38 -12.32 -14.09 -1.78
CA ARG B 38 -12.26 -13.95 -0.31
C ARG B 38 -11.93 -15.26 0.39
N HIS B 39 -11.42 -16.25 -0.35
CA HIS B 39 -11.08 -17.53 0.26
C HIS B 39 -9.82 -17.40 1.11
N GLN B 40 -9.87 -17.94 2.32
CA GLN B 40 -8.68 -18.08 3.15
C GLN B 40 -8.05 -19.44 2.88
N PHE B 41 -6.75 -19.45 2.66
CA PHE B 41 -6.04 -20.70 2.44
C PHE B 41 -4.57 -20.49 2.77
N CYS B 42 -3.86 -21.60 2.92
CA CYS B 42 -2.42 -21.60 3.13
C CYS B 42 -1.73 -21.65 1.78
N SER B 43 -0.82 -20.70 1.54
CA SER B 43 -0.12 -20.64 0.26
C SER B 43 0.75 -21.88 0.03
N GLY B 44 1.17 -22.55 1.09
CA GLY B 44 2.03 -23.71 0.96
C GLY B 44 1.31 -24.98 0.57
N CYS B 45 0.35 -25.42 1.37
CA CYS B 45 -0.33 -26.69 1.17
C CYS B 45 -1.73 -26.55 0.58
N TYR B 46 -2.21 -25.33 0.38
CA TYR B 46 -3.52 -25.07 -0.23
C TYR B 46 -4.67 -25.56 0.63
N ASN B 47 -4.50 -25.56 1.96
CA ASN B 47 -5.57 -25.94 2.87
C ASN B 47 -6.32 -24.70 3.34
N ALA B 48 -7.60 -24.88 3.63
CA ALA B 48 -8.43 -23.75 4.05
C ALA B 48 -8.01 -23.28 5.43
N PHE B 49 -7.95 -21.95 5.60
CA PHE B 49 -7.48 -21.36 6.85
C PHE B 49 -8.69 -21.05 7.72
N TYR B 50 -9.20 -22.10 8.38
CA TYR B 50 -10.34 -21.94 9.29
C TYR B 50 -9.89 -21.13 10.48
N ALA B 51 -10.48 -19.94 10.63
CA ALA B 51 -9.90 -18.92 11.48
C ALA B 51 -10.41 -18.96 12.92
N LYS B 52 -11.72 -18.76 13.12
CA LYS B 52 -12.27 -18.63 14.46
C LYS B 52 -13.47 -19.54 14.67
N ASN B 53 -13.29 -20.57 15.50
CA ASN B 53 -14.34 -21.50 15.92
C ASN B 53 -15.15 -22.09 14.77
N LYS B 54 -14.60 -22.09 13.55
CA LYS B 54 -15.30 -22.65 12.40
C LYS B 54 -14.71 -23.95 11.88
N CYS B 55 -13.60 -24.42 12.45
CA CYS B 55 -12.90 -25.60 11.90
C CYS B 55 -13.78 -26.84 11.96
N PRO B 56 -14.09 -27.47 10.83
CA PRO B 56 -14.77 -28.78 10.85
C PRO B 56 -13.89 -29.92 11.31
N GLU B 57 -12.56 -29.78 11.27
CA GLU B 57 -11.67 -30.88 11.60
C GLU B 57 -11.83 -31.30 13.06
N PRO B 58 -11.80 -32.60 13.34
CA PRO B 58 -11.94 -33.07 14.73
C PRO B 58 -10.69 -32.79 15.54
N ASN B 59 -10.87 -32.81 16.86
CA ASN B 59 -9.78 -32.63 17.82
C ASN B 59 -9.04 -31.32 17.56
N CYS B 60 -9.79 -30.26 17.26
CA CYS B 60 -9.15 -28.98 17.00
C CYS B 60 -8.79 -28.35 18.34
N ARG B 61 -7.54 -28.53 18.74
CA ARG B 61 -7.00 -27.95 19.97
C ARG B 61 -6.90 -26.44 19.85
N VAL B 62 -6.80 -25.93 18.62
CA VAL B 62 -6.45 -24.55 18.27
C VAL B 62 -7.60 -23.91 17.51
N LYS B 63 -8.84 -24.18 17.94
CA LYS B 63 -9.99 -23.54 17.30
C LYS B 63 -10.24 -22.15 17.82
N LYS B 64 -9.64 -21.79 18.96
CA LYS B 64 -9.97 -20.51 19.57
C LYS B 64 -9.51 -19.33 18.71
N SER B 65 -8.41 -19.50 17.97
CA SER B 65 -7.78 -18.40 17.25
C SER B 65 -7.41 -18.87 15.85
N LEU B 66 -6.84 -17.95 15.06
CA LEU B 66 -6.45 -18.25 13.68
C LEU B 66 -5.52 -19.45 13.63
N HIS B 67 -5.90 -20.45 12.83
CA HIS B 67 -5.11 -21.67 12.71
C HIS B 67 -5.44 -22.33 11.38
N GLY B 68 -4.55 -23.21 10.95
CA GLY B 68 -4.80 -24.03 9.78
C GLY B 68 -4.20 -25.41 9.96
N HIS B 69 -4.69 -26.35 9.16
CA HIS B 69 -4.23 -27.73 9.20
C HIS B 69 -3.28 -27.95 8.02
N HIS B 70 -2.05 -28.35 8.33
CA HIS B 70 -1.01 -28.48 7.33
C HIS B 70 -0.39 -29.87 7.37
N PRO B 71 -0.14 -30.46 6.20
CA PRO B 71 0.66 -31.69 6.16
C PRO B 71 2.07 -31.42 6.63
N ARG B 72 2.79 -32.51 6.92
CA ARG B 72 4.15 -32.37 7.45
C ARG B 72 5.11 -31.82 6.41
N ASP B 73 4.87 -32.06 5.12
CA ASP B 73 5.74 -31.58 4.06
C ASP B 73 5.26 -30.25 3.48
N CYS B 74 4.41 -29.52 4.18
CA CYS B 74 4.04 -28.18 3.76
C CYS B 74 5.17 -27.21 4.06
N LEU B 75 5.31 -26.20 3.21
CA LEU B 75 6.29 -25.15 3.47
C LEU B 75 6.03 -24.46 4.80
N PHE B 76 4.80 -24.53 5.31
CA PHE B 76 4.47 -23.97 6.61
C PHE B 76 5.37 -24.52 7.72
N TYR B 77 5.85 -25.76 7.58
CA TYR B 77 6.80 -26.33 8.52
C TYR B 77 8.23 -26.30 8.02
N LEU B 78 8.45 -26.69 6.77
CA LEU B 78 9.81 -26.84 6.25
C LEU B 78 10.54 -25.51 6.14
N ARG B 79 9.83 -24.39 6.19
CA ARG B 79 10.47 -23.08 6.23
C ARG B 79 11.40 -22.94 7.42
N ASP B 80 11.10 -23.64 8.52
CA ASP B 80 11.91 -23.56 9.73
C ASP B 80 13.15 -24.43 9.68
N TRP B 81 13.17 -25.45 8.83
CA TRP B 81 14.39 -26.25 8.68
C TRP B 81 15.53 -25.39 8.18
N THR B 82 16.76 -25.82 8.50
CA THR B 82 17.93 -25.15 7.96
C THR B 82 18.06 -25.43 6.47
N ALA B 83 18.80 -24.56 5.79
CA ALA B 83 19.14 -24.84 4.39
C ALA B 83 19.91 -26.14 4.26
N LEU B 84 20.74 -26.46 5.26
CA LEU B 84 21.57 -27.67 5.18
C LEU B 84 20.71 -28.93 5.29
N ARG B 85 19.76 -28.95 6.23
CA ARG B 85 18.95 -30.15 6.42
C ARG B 85 18.06 -30.42 5.21
N LEU B 86 17.50 -29.36 4.62
CA LEU B 86 16.73 -29.51 3.39
C LEU B 86 17.57 -30.13 2.28
N GLN B 87 18.80 -29.64 2.11
CA GLN B 87 19.70 -30.21 1.13
C GLN B 87 20.02 -31.67 1.42
N LYS B 88 19.98 -32.06 2.68
CA LYS B 88 20.23 -33.46 3.04
C LYS B 88 19.10 -34.34 2.55
N LEU B 89 17.85 -33.93 2.78
CA LEU B 89 16.70 -34.67 2.25
C LEU B 89 16.77 -34.77 0.73
N LEU B 90 17.14 -33.69 0.06
CA LEU B 90 17.27 -33.72 -1.40
C LEU B 90 18.38 -34.69 -1.82
N GLN B 91 19.55 -34.58 -1.21
CA GLN B 91 20.65 -35.47 -1.56
C GLN B 91 20.33 -36.91 -1.19
N ASP B 92 19.73 -37.14 -0.03
CA ASP B 92 19.43 -38.50 0.40
C ASP B 92 18.47 -39.20 -0.57
N ASN B 93 17.65 -38.43 -1.28
CA ASN B 93 16.83 -38.97 -2.35
C ASN B 93 17.37 -38.63 -3.74
N ASN B 94 18.60 -38.11 -3.81
CA ASN B 94 19.34 -37.95 -5.07
C ASN B 94 18.65 -36.98 -6.04
N VAL B 95 18.16 -35.87 -5.52
CA VAL B 95 17.54 -34.82 -6.34
C VAL B 95 18.52 -33.66 -6.44
N MET B 96 18.92 -33.32 -7.67
CA MET B 96 19.88 -32.25 -7.88
C MET B 96 19.22 -30.89 -7.60
N PHE B 97 20.05 -29.93 -7.22
CA PHE B 97 19.58 -28.57 -6.96
C PHE B 97 20.71 -27.59 -7.20
N ASN B 98 20.34 -26.33 -7.44
CA ASN B 98 21.33 -25.28 -7.66
C ASN B 98 21.91 -24.78 -6.35
N THR B 99 23.23 -24.56 -6.37
CA THR B 99 23.93 -23.78 -5.37
C THR B 99 24.58 -22.55 -5.96
N GLU B 100 24.94 -22.59 -7.23
CA GLU B 100 25.32 -21.47 -8.05
C GLU B 100 24.14 -21.03 -8.91
N PRO B 101 24.02 -19.74 -9.21
CA PRO B 101 22.89 -19.30 -10.05
C PRO B 101 22.96 -19.94 -11.41
N PRO B 102 21.80 -20.16 -12.05
CA PRO B 102 21.82 -20.71 -13.41
C PRO B 102 22.57 -19.78 -14.35
N ALA B 103 23.17 -20.37 -15.38
CA ALA B 103 24.13 -19.65 -16.20
C ALA B 103 23.55 -18.36 -16.77
N GLY B 104 22.27 -18.38 -17.14
CA GLY B 104 21.67 -17.19 -17.72
C GLY B 104 21.51 -16.03 -16.76
N ALA B 105 21.53 -16.30 -15.45
CA ALA B 105 21.31 -15.24 -14.48
C ALA B 105 22.55 -14.37 -14.36
N ARG B 106 22.37 -13.06 -14.50
CA ARG B 106 23.42 -12.07 -14.25
C ARG B 106 22.91 -11.20 -13.11
N ALA B 107 23.17 -11.63 -11.87
CA ALA B 107 22.62 -10.93 -10.72
C ALA B 107 23.16 -9.50 -10.67
N VAL B 108 22.29 -8.58 -10.25
CA VAL B 108 22.68 -7.18 -10.13
C VAL B 108 23.67 -7.11 -8.97
N PRO B 109 24.89 -6.61 -9.19
CA PRO B 109 25.89 -6.65 -8.10
C PRO B 109 25.48 -5.81 -6.90
N GLY B 110 24.76 -4.72 -7.10
CA GLY B 110 24.18 -3.99 -5.98
C GLY B 110 22.88 -4.61 -5.53
N GLY B 111 22.09 -5.10 -6.49
CA GLY B 111 20.83 -5.73 -6.15
C GLY B 111 21.02 -7.03 -5.38
N GLY B 112 20.01 -7.38 -4.59
CA GLY B 112 19.99 -8.66 -3.91
C GLY B 112 19.00 -9.62 -4.52
N CYS B 113 18.09 -10.15 -3.71
CA CYS B 113 17.10 -11.10 -4.20
C CYS B 113 16.09 -10.40 -5.10
N ARG B 114 15.92 -10.92 -6.31
CA ARG B 114 15.07 -10.28 -7.30
C ARG B 114 13.66 -10.85 -7.36
N VAL B 115 13.30 -11.72 -6.40
CA VAL B 115 11.92 -12.15 -6.30
C VAL B 115 11.04 -10.93 -6.06
N ILE B 116 9.96 -10.83 -6.83
CA ILE B 116 9.09 -9.66 -6.81
C ILE B 116 8.05 -9.85 -5.70
N GLU B 117 7.93 -8.84 -4.84
CA GLU B 117 7.06 -8.88 -3.68
C GLU B 117 6.14 -7.68 -3.67
N GLN B 118 4.89 -7.90 -3.26
CA GLN B 118 3.91 -6.84 -3.06
C GLN B 118 4.02 -6.26 -1.65
N LYS B 119 4.48 -5.02 -1.55
CA LYS B 119 4.64 -4.32 -0.28
C LYS B 119 3.53 -3.29 -0.16
N GLU B 120 2.86 -3.25 0.99
CA GLU B 120 1.79 -2.29 1.22
C GLU B 120 2.34 -0.87 1.21
N VAL B 121 1.85 -0.05 0.29
CA VAL B 121 2.25 1.35 0.18
C VAL B 121 1.00 2.20 0.40
N PRO B 122 1.11 3.51 0.61
CA PRO B 122 -0.10 4.33 0.80
C PRO B 122 -1.06 4.20 -0.38
N ASN B 123 -2.32 3.88 -0.06
CA ASN B 123 -3.42 3.88 -1.03
C ASN B 123 -3.18 2.91 -2.18
N GLY B 124 -2.66 1.73 -1.90
CA GLY B 124 -2.57 0.68 -2.88
C GLY B 124 -1.43 -0.26 -2.59
N LEU B 125 -1.15 -1.12 -3.58
CA LEU B 125 -0.13 -2.14 -3.50
C LEU B 125 0.93 -1.89 -4.56
N ARG B 126 2.20 -1.99 -4.18
CA ARG B 126 3.32 -1.73 -5.08
C ARG B 126 4.27 -2.92 -5.07
N ASP B 127 4.59 -3.45 -6.25
CA ASP B 127 5.51 -4.56 -6.39
C ASP B 127 6.95 -4.06 -6.38
N GLU B 128 7.77 -4.64 -5.49
CA GLU B 128 9.17 -4.32 -5.39
C GLU B 128 9.98 -5.60 -5.29
N ALA B 129 11.22 -5.55 -5.77
CA ALA B 129 12.11 -6.69 -5.65
C ALA B 129 12.43 -6.96 -4.19
N CYS B 130 12.61 -8.25 -3.86
CA CYS B 130 12.89 -8.62 -2.47
C CYS B 130 14.14 -7.91 -1.97
N GLY B 131 15.24 -7.98 -2.73
CA GLY B 131 16.42 -7.19 -2.46
C GLY B 131 17.16 -7.53 -1.19
N LYS B 132 16.86 -8.66 -0.54
CA LYS B 132 17.63 -9.04 0.63
C LYS B 132 18.94 -9.70 0.20
N GLU B 133 19.83 -9.90 1.19
CA GLU B 133 21.18 -10.35 0.90
C GLU B 133 21.16 -11.74 0.24
N THR B 134 22.01 -11.90 -0.77
CA THR B 134 22.11 -13.13 -1.55
C THR B 134 23.40 -13.86 -1.16
N PRO B 135 23.36 -14.78 -0.21
CA PRO B 135 24.60 -15.45 0.22
C PRO B 135 25.16 -16.34 -0.88
N ALA B 136 26.48 -16.50 -0.85
CA ALA B 136 27.14 -17.45 -1.74
C ALA B 136 26.68 -18.86 -1.43
N GLY B 137 26.51 -19.67 -2.47
CA GLY B 137 25.99 -21.01 -2.33
C GLY B 137 24.49 -21.10 -2.25
N TYR B 138 23.78 -19.99 -2.11
CA TYR B 138 22.32 -19.96 -2.14
C TYR B 138 21.78 -19.69 -3.54
N ALA B 139 22.59 -19.90 -4.58
CA ALA B 139 22.14 -19.85 -5.97
C ALA B 139 21.59 -18.48 -6.35
N GLY B 140 22.11 -17.43 -5.74
CA GLY B 140 21.69 -16.08 -6.05
C GLY B 140 20.37 -15.65 -5.44
N LEU B 141 19.78 -16.45 -4.57
CA LEU B 141 18.59 -16.07 -3.83
C LEU B 141 18.96 -15.70 -2.39
N CYS B 142 18.02 -15.03 -1.72
CA CYS B 142 18.19 -14.77 -0.29
C CYS B 142 17.90 -16.04 0.51
N GLN B 143 18.18 -15.97 1.81
CA GLN B 143 17.98 -17.13 2.68
C GLN B 143 16.54 -17.61 2.65
N ALA B 144 15.58 -16.68 2.79
CA ALA B 144 14.17 -17.07 2.84
C ALA B 144 13.72 -17.73 1.55
N HIS B 145 14.04 -17.10 0.41
CA HIS B 145 13.58 -17.63 -0.87
C HIS B 145 14.39 -18.83 -1.34
N TYR B 146 15.66 -18.94 -0.94
CA TYR B 146 16.44 -20.12 -1.30
C TYR B 146 15.87 -21.37 -0.64
N LYS B 147 15.52 -21.29 0.64
CA LYS B 147 14.84 -22.41 1.29
C LYS B 147 13.56 -22.76 0.57
N GLU B 148 12.78 -21.74 0.20
CA GLU B 148 11.53 -21.97 -0.53
C GLU B 148 11.80 -22.68 -1.86
N TYR B 149 12.89 -22.31 -2.55
CA TYR B 149 13.26 -23.01 -3.77
C TYR B 149 13.52 -24.49 -3.49
N LEU B 150 14.25 -24.78 -2.41
CA LEU B 150 14.53 -26.18 -2.05
C LEU B 150 13.23 -26.92 -1.71
N VAL B 151 12.34 -26.27 -0.95
CA VAL B 151 11.10 -26.92 -0.53
C VAL B 151 10.23 -27.27 -1.74
N SER B 152 10.29 -26.46 -2.80
CA SER B 152 9.52 -26.76 -3.99
C SER B 152 10.03 -28.05 -4.65
N LEU B 153 11.35 -28.22 -4.69
CA LEU B 153 11.91 -29.49 -5.17
C LEU B 153 11.48 -30.65 -4.29
N ILE B 154 11.50 -30.47 -2.98
CA ILE B 154 11.06 -31.53 -2.06
C ILE B 154 9.58 -31.84 -2.29
N ASN B 155 8.76 -30.79 -2.42
CA ASN B 155 7.35 -31.01 -2.73
C ASN B 155 7.15 -31.59 -4.12
N ALA B 156 8.02 -31.22 -5.08
CA ALA B 156 7.85 -31.68 -6.45
C ALA B 156 7.96 -33.20 -6.55
N HIS B 157 8.92 -33.79 -5.85
CA HIS B 157 9.15 -35.22 -5.89
C HIS B 157 8.48 -35.95 -4.72
N SER B 158 7.65 -35.25 -3.95
CA SER B 158 6.90 -35.85 -2.85
C SER B 158 7.81 -36.56 -1.87
N LEU B 159 8.94 -35.95 -1.58
CA LEU B 159 9.86 -36.51 -0.59
C LEU B 159 9.26 -36.41 0.80
N ASP B 160 9.53 -37.41 1.62
CA ASP B 160 8.95 -37.47 2.96
C ASP B 160 9.96 -36.93 3.95
N PRO B 161 9.72 -35.77 4.57
CA PRO B 161 10.63 -35.29 5.61
C PRO B 161 10.70 -36.21 6.81
N ALA B 162 9.69 -37.05 7.02
CA ALA B 162 9.70 -38.01 8.12
C ALA B 162 10.85 -38.99 8.03
N THR B 163 11.46 -39.15 6.85
CA THR B 163 12.63 -40.02 6.73
C THR B 163 13.82 -39.47 7.52
N LEU B 164 13.76 -38.21 7.96
CA LEU B 164 14.79 -37.61 8.79
C LEU B 164 14.32 -37.29 10.19
N TYR B 165 13.06 -37.58 10.52
CA TYR B 165 12.51 -37.22 11.82
C TYR B 165 13.24 -37.96 12.95
N GLU B 166 13.39 -37.28 14.08
CA GLU B 166 13.91 -37.90 15.29
C GLU B 166 12.78 -38.57 16.07
N VAL B 167 13.14 -39.16 17.22
CA VAL B 167 12.14 -39.80 18.07
C VAL B 167 11.13 -38.76 18.57
N GLU B 168 11.62 -37.62 19.05
CA GLU B 168 10.72 -36.57 19.50
C GLU B 168 9.87 -36.04 18.35
N GLU B 169 10.48 -35.88 17.17
CA GLU B 169 9.72 -35.43 16.01
C GLU B 169 8.61 -36.43 15.68
N LEU B 170 8.93 -37.72 15.75
CA LEU B 170 7.91 -38.74 15.50
C LEU B 170 6.85 -38.74 16.59
N GLU B 171 7.23 -38.47 17.85
CA GLU B 171 6.23 -38.34 18.90
C GLU B 171 5.40 -37.07 18.71
N THR B 172 6.06 -35.98 18.29
CA THR B 172 5.32 -34.77 17.96
C THR B 172 4.40 -35.00 16.77
N ALA B 173 4.91 -35.68 15.73
CA ALA B 173 4.10 -35.97 14.56
C ALA B 173 2.96 -36.95 14.88
N THR B 174 3.21 -37.90 15.79
CA THR B 174 2.20 -38.92 16.06
C THR B 174 0.94 -38.33 16.67
N GLU B 175 1.09 -37.41 17.62
CA GLU B 175 -0.07 -36.82 18.27
C GLU B 175 -0.76 -35.79 17.39
N ARG B 176 -0.02 -35.11 16.50
CA ARG B 176 -0.62 -34.08 15.67
C ARG B 176 -1.53 -34.68 14.59
N TYR B 177 -1.09 -35.76 13.95
CA TYR B 177 -1.83 -36.34 12.84
C TYR B 177 -2.64 -37.59 13.19
N LEU B 178 -2.30 -38.29 14.27
CA LEU B 178 -2.99 -39.52 14.63
C LEU B 178 -3.75 -39.44 15.94
N HIS B 179 -3.63 -38.34 16.69
CA HIS B 179 -4.46 -38.07 17.87
C HIS B 179 -4.32 -39.18 18.91
N VAL B 180 -3.08 -39.43 19.32
CA VAL B 180 -2.76 -40.49 20.28
C VAL B 180 -1.63 -40.05 21.19
N ARG B 181 -1.54 -40.71 22.35
CA ARG B 181 -0.41 -40.56 23.26
C ARG B 181 0.74 -41.43 22.76
N PRO B 182 1.79 -40.82 22.20
CA PRO B 182 2.81 -41.62 21.49
C PRO B 182 3.87 -42.23 22.38
N GLN B 183 3.62 -42.33 23.69
CA GLN B 183 4.65 -42.80 24.61
C GLN B 183 5.06 -44.25 24.29
N PRO B 184 6.32 -44.59 24.56
CA PRO B 184 6.84 -45.91 24.14
C PRO B 184 6.20 -47.09 24.84
N LEU B 185 6.44 -48.26 24.25
CA LEU B 185 5.89 -49.53 24.69
C LEU B 185 6.85 -50.24 25.63
N ALA B 186 6.31 -50.90 26.65
CA ALA B 186 7.13 -51.71 27.53
C ALA B 186 7.55 -52.97 26.81
N GLY B 187 8.82 -53.34 26.95
CA GLY B 187 9.33 -54.43 26.15
C GLY B 187 9.94 -54.01 24.84
N GLU B 188 9.90 -52.71 24.51
CA GLU B 188 10.39 -52.17 23.26
C GLU B 188 11.71 -51.44 23.50
N ASP B 189 12.22 -50.80 22.46
CA ASP B 189 13.53 -50.16 22.51
C ASP B 189 13.50 -48.85 21.74
N PRO B 190 14.38 -47.91 22.09
CA PRO B 190 14.41 -46.60 21.39
C PRO B 190 14.60 -46.72 19.89
N PRO B 191 15.46 -47.61 19.37
CA PRO B 191 15.60 -47.65 17.90
C PRO B 191 14.42 -48.30 17.21
N ALA B 192 13.92 -49.42 17.74
CA ALA B 192 12.75 -50.07 17.15
C ALA B 192 11.53 -49.17 17.28
N TYR B 193 11.51 -48.32 18.32
CA TYR B 193 10.42 -47.38 18.53
C TYR B 193 10.38 -46.30 17.45
N GLN B 194 11.55 -45.78 17.05
CA GLN B 194 11.60 -44.83 15.96
C GLN B 194 11.07 -45.43 14.66
N ALA B 195 11.59 -46.62 14.30
CA ALA B 195 11.14 -47.28 13.08
C ALA B 195 9.67 -47.67 13.16
N ARG B 196 9.19 -47.98 14.37
CA ARG B 196 7.78 -48.30 14.55
C ARG B 196 6.91 -47.06 14.35
N LEU B 197 7.28 -45.93 14.96
CA LEU B 197 6.52 -44.70 14.78
C LEU B 197 6.56 -44.24 13.34
N LEU B 198 7.74 -44.28 12.71
CA LEU B 198 7.87 -43.90 11.31
C LEU B 198 6.99 -44.78 10.40
N GLN B 199 6.87 -46.06 10.73
CA GLN B 199 6.16 -46.98 9.85
C GLN B 199 4.68 -46.66 9.76
N LYS B 200 4.03 -46.44 10.91
CA LYS B 200 2.60 -46.13 10.88
C LYS B 200 2.32 -44.79 10.22
N LEU B 201 3.13 -43.77 10.52
CA LEU B 201 2.87 -42.44 9.96
C LEU B 201 2.97 -42.48 8.44
N THR B 202 3.99 -43.17 7.92
CA THR B 202 4.13 -43.29 6.47
C THR B 202 3.02 -44.14 5.88
N GLU B 203 2.51 -45.11 6.65
CA GLU B 203 1.46 -46.01 6.17
C GLU B 203 0.05 -45.44 6.35
N GLU B 204 -0.13 -44.45 7.22
CA GLU B 204 -1.47 -44.02 7.61
C GLU B 204 -1.77 -42.56 7.32
N VAL B 205 -0.79 -41.67 7.45
CA VAL B 205 -0.97 -40.24 7.18
C VAL B 205 -0.25 -39.92 5.88
N PRO B 206 -0.97 -39.68 4.79
CA PRO B 206 -0.31 -39.40 3.52
C PRO B 206 0.31 -38.01 3.50
N LEU B 207 1.20 -37.80 2.56
CA LEU B 207 1.74 -36.48 2.28
C LEU B 207 0.62 -35.60 1.72
N GLY B 208 0.85 -34.29 1.78
CA GLY B 208 -0.16 -33.33 1.36
C GLY B 208 -0.69 -33.61 -0.03
N GLN B 209 -1.99 -33.88 -0.09
CA GLN B 209 -2.65 -34.25 -1.33
C GLN B 209 -3.14 -33.04 -2.13
N SER B 210 -2.93 -31.82 -1.62
CA SER B 210 -3.29 -30.60 -2.33
C SER B 210 -2.10 -29.66 -2.48
N ILE B 211 -0.89 -30.13 -2.26
CA ILE B 211 0.32 -29.32 -2.46
C ILE B 211 0.58 -29.22 -3.97
N PRO B 212 0.85 -28.02 -4.49
CA PRO B 212 1.20 -27.91 -5.91
C PRO B 212 2.52 -28.61 -6.24
N ARG B 213 2.45 -29.69 -7.01
CA ARG B 213 3.64 -30.47 -7.34
C ARG B 213 3.92 -30.59 -8.84
N ARG B 214 3.13 -29.92 -9.69
CA ARG B 214 3.35 -29.91 -11.14
C ARG B 214 3.22 -31.30 -11.76
N ARG B 215 2.23 -32.09 -11.33
CA ARG B 215 1.96 -33.44 -11.91
C ARG B 215 3.05 -34.49 -11.69
N ARG C 2 -59.31 20.60 -0.79
CA ARG C 2 -60.65 20.26 -0.30
C ARG C 2 -60.66 20.10 1.21
N ARG C 3 -60.45 18.87 1.68
CA ARG C 3 -60.33 18.62 3.11
C ARG C 3 -59.10 19.30 3.70
N GLN C 4 -58.13 19.66 2.86
CA GLN C 4 -56.94 20.37 3.30
C GLN C 4 -56.96 21.86 2.99
N LEU C 5 -57.70 22.28 1.96
CA LEU C 5 -57.74 23.70 1.62
C LEU C 5 -58.50 24.50 2.67
N LYS C 6 -59.57 23.92 3.22
CA LYS C 6 -60.33 24.60 4.26
C LYS C 6 -59.49 24.81 5.52
N LYS C 7 -58.62 23.86 5.83
CA LYS C 7 -57.80 23.95 7.04
C LYS C 7 -56.79 25.10 6.96
N LEU C 8 -56.32 25.45 5.76
CA LEU C 8 -55.33 26.50 5.63
C LEU C 8 -55.84 27.85 6.09
N ASP C 9 -57.16 28.01 6.22
CA ASP C 9 -57.71 29.28 6.70
C ASP C 9 -57.26 29.57 8.13
N GLU C 10 -57.43 28.59 9.02
CA GLU C 10 -56.91 28.70 10.39
C GLU C 10 -55.51 28.13 10.49
N ASP C 11 -54.64 28.55 9.57
CA ASP C 11 -53.24 28.15 9.57
C ASP C 11 -52.39 29.41 9.68
N SER C 12 -51.53 29.44 10.69
CA SER C 12 -50.59 30.54 10.92
C SER C 12 -49.16 30.00 10.90
N LEU C 13 -48.23 30.89 11.21
CA LEU C 13 -46.83 30.51 11.18
C LEU C 13 -46.43 29.70 12.40
N THR C 14 -47.19 29.81 13.48
CA THR C 14 -46.92 28.99 14.65
C THR C 14 -47.56 27.67 14.38
N LYS C 15 -48.73 27.68 13.76
CA LYS C 15 -49.47 26.45 13.51
C LYS C 15 -48.80 25.47 12.59
N GLN C 16 -48.07 25.96 11.60
CA GLN C 16 -47.50 25.07 10.60
C GLN C 16 -46.61 23.96 11.07
N PRO C 17 -46.81 22.78 10.50
CA PRO C 17 -45.96 21.64 10.82
C PRO C 17 -44.75 21.67 9.93
N GLU C 18 -44.03 20.58 9.85
CA GLU C 18 -42.80 20.52 9.06
C GLU C 18 -43.08 20.32 7.59
N GLU C 19 -43.93 21.16 7.02
CA GLU C 19 -44.24 21.06 5.61
C GLU C 19 -43.40 22.14 5.04
N VAL C 20 -42.63 22.81 5.90
CA VAL C 20 -41.75 23.86 5.46
C VAL C 20 -40.67 23.30 4.56
N PHE C 21 -40.22 22.10 4.86
CA PHE C 21 -39.13 21.52 4.11
C PHE C 21 -39.52 20.34 3.24
N ASP C 22 -38.82 20.14 2.14
CA ASP C 22 -39.05 18.98 1.27
C ASP C 22 -37.84 18.04 1.23
N VAL C 23 -37.92 16.90 1.89
CA VAL C 23 -36.82 15.94 1.96
C VAL C 23 -36.68 15.24 0.62
N LEU C 24 -35.43 15.05 0.18
CA LEU C 24 -35.17 14.50 -1.14
C LEU C 24 -34.44 13.15 -1.10
N GLU C 25 -33.25 13.09 -0.52
CA GLU C 25 -32.50 11.84 -0.54
C GLU C 25 -31.38 11.92 0.50
N LYS C 26 -30.88 10.74 0.89
CA LYS C 26 -29.77 10.65 1.84
C LYS C 26 -28.48 11.02 1.13
N LEU C 27 -28.05 12.28 1.29
CA LEU C 27 -26.75 12.69 0.75
C LEU C 27 -25.65 11.79 1.25
N GLY C 28 -25.61 11.55 2.55
CA GLY C 28 -24.72 10.59 3.15
C GLY C 28 -25.40 9.90 4.31
N GLU C 29 -24.60 9.34 5.21
CA GLU C 29 -25.12 8.71 6.43
C GLU C 29 -24.04 8.88 7.50
N GLY C 30 -24.13 8.09 8.55
CA GLY C 30 -23.09 8.10 9.56
C GLY C 30 -23.56 7.49 10.85
N SER C 31 -22.60 7.20 11.72
CA SER C 31 -22.93 6.69 13.04
C SER C 31 -23.73 7.70 13.84
N TYR C 32 -23.54 8.99 13.57
CA TYR C 32 -24.33 10.04 14.19
C TYR C 32 -25.32 10.59 13.17
N GLY C 33 -26.45 9.89 13.04
CA GLY C 33 -27.56 10.36 12.25
C GLY C 33 -27.44 10.24 10.75
N SER C 34 -28.58 10.06 10.08
CA SER C 34 -28.65 10.15 8.64
C SER C 34 -28.80 11.60 8.21
N VAL C 35 -28.35 11.91 7.00
CA VAL C 35 -28.33 13.28 6.49
C VAL C 35 -29.03 13.30 5.14
N TYR C 36 -29.92 14.27 4.94
CA TYR C 36 -30.74 14.36 3.74
C TYR C 36 -30.61 15.73 3.10
N LYS C 37 -30.74 15.76 1.77
CA LYS C 37 -30.86 17.01 1.05
C LYS C 37 -32.30 17.50 1.10
N ALA C 38 -32.49 18.80 1.32
CA ALA C 38 -33.83 19.33 1.47
C ALA C 38 -33.88 20.76 0.95
N ILE C 39 -35.09 21.17 0.58
CA ILE C 39 -35.35 22.50 0.04
C ILE C 39 -36.37 23.20 0.94
N HIS C 40 -36.01 24.40 1.41
CA HIS C 40 -36.98 25.25 2.08
C HIS C 40 -37.95 25.80 1.05
N LYS C 41 -39.25 25.52 1.23
CA LYS C 41 -40.23 25.80 0.18
C LYS C 41 -40.32 27.30 -0.12
N GLU C 42 -40.38 28.12 0.94
CA GLU C 42 -40.64 29.55 0.76
C GLU C 42 -39.49 30.22 0.01
N THR C 43 -38.25 29.92 0.40
CA THR C 43 -37.09 30.57 -0.20
C THR C 43 -36.54 29.82 -1.39
N GLY C 44 -36.87 28.54 -1.55
CA GLY C 44 -36.25 27.72 -2.56
C GLY C 44 -34.81 27.35 -2.26
N GLN C 45 -34.27 27.81 -1.14
CA GLN C 45 -32.90 27.51 -0.76
C GLN C 45 -32.79 26.05 -0.33
N ILE C 46 -31.60 25.47 -0.55
CA ILE C 46 -31.34 24.07 -0.26
C ILE C 46 -30.61 23.97 1.07
N VAL C 47 -31.01 22.99 1.89
CA VAL C 47 -30.45 22.80 3.22
C VAL C 47 -30.06 21.34 3.39
N ALA C 48 -29.21 21.09 4.37
CA ALA C 48 -28.86 19.76 4.80
C ALA C 48 -29.56 19.47 6.12
N ILE C 49 -30.29 18.36 6.18
CA ILE C 49 -31.06 17.98 7.36
C ILE C 49 -30.53 16.66 7.88
N ARG C 50 -30.06 16.66 9.13
CA ARG C 50 -29.56 15.46 9.79
C ARG C 50 -30.56 15.05 10.86
N GLN C 51 -30.99 13.79 10.82
CA GLN C 51 -31.88 13.25 11.85
C GLN C 51 -31.03 12.59 12.92
N VAL C 52 -31.26 12.96 14.17
CA VAL C 52 -30.51 12.38 15.28
C VAL C 52 -31.43 11.39 16.02
N PRO C 53 -31.33 10.09 15.72
CA PRO C 53 -32.16 9.10 16.41
C PRO C 53 -31.48 8.39 17.58
N VAL C 54 -30.22 8.71 17.86
CA VAL C 54 -29.47 8.01 18.91
C VAL C 54 -30.03 8.30 20.28
N GLU C 55 -30.39 9.56 20.54
CA GLU C 55 -30.96 9.96 21.83
C GLU C 55 -30.03 9.81 23.04
N SER C 56 -28.97 9.01 22.91
CA SER C 56 -28.01 8.88 23.99
C SER C 56 -26.89 9.91 23.89
N ASP C 57 -26.99 10.83 22.94
CA ASP C 57 -25.95 11.80 22.66
C ASP C 57 -26.42 13.24 22.78
N LEU C 58 -27.69 13.46 23.13
CA LEU C 58 -28.31 14.76 22.97
C LEU C 58 -27.71 15.83 23.88
N GLN C 59 -26.87 15.44 24.84
CA GLN C 59 -26.08 16.44 25.56
C GLN C 59 -24.98 17.02 24.67
N GLU C 60 -24.28 16.16 23.92
CA GLU C 60 -23.24 16.64 23.01
C GLU C 60 -23.84 17.33 21.79
N ILE C 61 -25.00 16.84 21.31
CA ILE C 61 -25.62 17.43 20.12
C ILE C 61 -26.02 18.88 20.39
N ILE C 62 -26.62 19.13 21.56
CA ILE C 62 -26.95 20.51 21.94
C ILE C 62 -25.68 21.34 22.03
N LYS C 63 -24.66 20.79 22.69
CA LYS C 63 -23.39 21.49 22.82
C LYS C 63 -22.73 21.74 21.45
N GLU C 64 -22.97 20.84 20.48
CA GLU C 64 -22.37 21.03 19.16
C GLU C 64 -23.08 22.14 18.40
N ILE C 65 -24.41 22.13 18.39
CA ILE C 65 -25.15 23.14 17.62
C ILE C 65 -25.26 24.46 18.38
N SER C 66 -25.03 24.45 19.69
CA SER C 66 -24.89 25.72 20.40
C SER C 66 -23.67 26.48 19.92
N ILE C 67 -22.55 25.77 19.70
CA ILE C 67 -21.36 26.40 19.14
C ILE C 67 -21.63 26.87 17.71
N MET C 68 -22.45 26.13 16.96
CA MET C 68 -22.84 26.57 15.63
C MET C 68 -23.56 27.92 15.68
N GLN C 69 -24.47 28.09 16.65
CA GLN C 69 -25.25 29.32 16.72
C GLN C 69 -24.36 30.54 17.01
N GLN C 70 -23.29 30.35 17.77
CA GLN C 70 -22.43 31.46 18.16
C GLN C 70 -21.51 31.92 17.04
N CYS C 71 -21.37 31.13 15.97
CA CYS C 71 -20.48 31.46 14.86
C CYS C 71 -21.28 32.01 13.69
N ASP C 72 -20.98 33.24 13.29
CA ASP C 72 -21.54 33.85 12.08
C ASP C 72 -20.35 34.22 11.21
N SER C 73 -19.87 33.25 10.42
CA SER C 73 -18.81 33.44 9.47
C SER C 73 -19.13 32.63 8.23
N PRO C 74 -18.78 33.12 7.04
CA PRO C 74 -18.96 32.30 5.83
C PRO C 74 -18.13 31.04 5.82
N HIS C 75 -17.03 31.00 6.58
CA HIS C 75 -16.13 29.86 6.63
C HIS C 75 -16.53 28.81 7.66
N VAL C 76 -17.69 28.98 8.30
CA VAL C 76 -18.21 28.02 9.27
C VAL C 76 -19.64 27.67 8.87
N VAL C 77 -19.96 26.38 8.88
CA VAL C 77 -21.27 25.91 8.44
C VAL C 77 -22.36 26.55 9.28
N LYS C 78 -23.40 27.06 8.62
CA LYS C 78 -24.49 27.73 9.29
C LYS C 78 -25.52 26.73 9.82
N TYR C 79 -26.18 27.11 10.90
CA TYR C 79 -27.26 26.34 11.49
C TYR C 79 -28.56 27.14 11.37
N TYR C 80 -29.64 26.47 10.94
CA TYR C 80 -30.88 27.15 10.60
C TYR C 80 -32.05 26.80 11.51
N GLY C 81 -31.91 25.84 12.42
CA GLY C 81 -32.99 25.46 13.29
C GLY C 81 -33.16 23.97 13.47
N SER C 82 -34.16 23.57 14.24
CA SER C 82 -34.40 22.16 14.52
C SER C 82 -35.89 21.92 14.67
N TYR C 83 -36.31 20.67 14.51
CA TYR C 83 -37.69 20.28 14.70
C TYR C 83 -37.77 18.79 14.99
N PHE C 84 -38.93 18.36 15.49
CA PHE C 84 -39.16 16.98 15.87
C PHE C 84 -40.21 16.36 14.96
N LYS C 85 -39.89 15.18 14.41
CA LYS C 85 -40.79 14.45 13.53
C LYS C 85 -40.63 12.97 13.81
N ASN C 86 -41.63 12.38 14.47
CA ASN C 86 -41.67 10.93 14.75
C ASN C 86 -40.48 10.49 15.61
N THR C 87 -40.39 11.07 16.80
CA THR C 87 -39.40 10.71 17.81
C THR C 87 -37.97 10.81 17.29
N ASP C 88 -37.75 11.60 16.24
CA ASP C 88 -36.43 11.89 15.72
C ASP C 88 -36.22 13.40 15.73
N LEU C 89 -35.04 13.83 16.15
CA LEU C 89 -34.67 15.24 16.10
C LEU C 89 -34.03 15.54 14.75
N TRP C 90 -34.63 16.46 14.01
CA TRP C 90 -34.16 16.86 12.69
C TRP C 90 -33.51 18.23 12.79
N ILE C 91 -32.26 18.33 12.37
CA ILE C 91 -31.47 19.54 12.48
C ILE C 91 -31.18 20.05 11.06
N VAL C 92 -31.59 21.28 10.78
CA VAL C 92 -31.42 21.87 9.46
C VAL C 92 -30.22 22.80 9.50
N MET C 93 -29.35 22.70 8.50
CA MET C 93 -28.13 23.48 8.48
C MET C 93 -27.67 23.66 7.04
N GLU C 94 -26.66 24.52 6.89
CA GLU C 94 -26.17 24.91 5.56
C GLU C 94 -25.69 23.70 4.77
N TYR C 95 -26.03 23.68 3.48
CA TYR C 95 -25.79 22.54 2.61
C TYR C 95 -24.49 22.71 1.83
N CYS C 96 -23.64 21.69 1.87
CA CYS C 96 -22.38 21.65 1.11
C CYS C 96 -22.43 20.41 0.22
N GLY C 97 -22.73 20.63 -1.06
CA GLY C 97 -23.05 19.52 -1.96
C GLY C 97 -21.87 18.66 -2.38
N ALA C 98 -20.65 19.16 -2.26
CA ALA C 98 -19.48 18.36 -2.63
C ALA C 98 -19.01 17.45 -1.51
N GLY C 99 -19.61 17.53 -0.33
CA GLY C 99 -19.19 16.73 0.79
C GLY C 99 -17.92 17.25 1.43
N SER C 100 -17.23 16.35 2.13
CA SER C 100 -15.99 16.67 2.80
C SER C 100 -14.79 16.29 1.92
N VAL C 101 -13.65 16.88 2.22
CA VAL C 101 -12.42 16.60 1.49
C VAL C 101 -12.06 15.12 1.59
N SER C 102 -12.23 14.55 2.79
CA SER C 102 -11.96 13.12 2.98
C SER C 102 -12.81 12.25 2.06
N ASP C 103 -14.02 12.69 1.74
CA ASP C 103 -14.88 11.93 0.83
C ASP C 103 -14.58 12.21 -0.64
N ILE C 104 -14.24 13.46 -0.99
CA ILE C 104 -13.88 13.78 -2.37
C ILE C 104 -12.65 12.97 -2.78
N ILE C 105 -11.68 12.84 -1.87
CA ILE C 105 -10.52 12.00 -2.14
C ILE C 105 -10.94 10.55 -2.35
N ARG C 106 -11.88 10.07 -1.53
CA ARG C 106 -12.36 8.70 -1.67
C ARG C 106 -13.15 8.52 -2.96
N LEU C 107 -14.04 9.46 -3.27
CA LEU C 107 -14.88 9.34 -4.46
C LEU C 107 -14.04 9.37 -5.73
N ARG C 108 -13.18 10.39 -5.87
CA ARG C 108 -12.29 10.46 -7.02
C ARG C 108 -11.18 9.42 -6.98
N ASN C 109 -10.99 8.75 -5.84
CA ASN C 109 -9.85 7.85 -5.61
C ASN C 109 -8.56 8.53 -6.06
N LYS C 110 -8.38 9.75 -5.59
CA LYS C 110 -7.32 10.62 -6.09
C LYS C 110 -6.91 11.59 -4.98
N THR C 111 -5.62 11.89 -4.91
CA THR C 111 -5.11 12.83 -3.93
C THR C 111 -5.08 14.24 -4.53
N LEU C 112 -5.10 15.23 -3.63
CA LEU C 112 -5.21 16.62 -4.05
C LEU C 112 -3.86 17.16 -4.48
N THR C 113 -3.83 17.90 -5.58
CA THR C 113 -2.64 18.60 -6.00
C THR C 113 -2.33 19.74 -5.03
N GLU C 114 -1.12 20.28 -5.14
CA GLU C 114 -0.68 21.32 -4.21
C GLU C 114 -1.59 22.54 -4.27
N ASP C 115 -1.87 23.03 -5.48
CA ASP C 115 -2.72 24.21 -5.61
C ASP C 115 -4.15 23.93 -5.15
N GLU C 116 -4.63 22.71 -5.35
CA GLU C 116 -5.92 22.32 -4.77
C GLU C 116 -5.86 22.38 -3.25
N ILE C 117 -4.74 21.94 -2.66
CA ILE C 117 -4.59 21.99 -1.22
C ILE C 117 -4.44 23.43 -0.74
N ALA C 118 -3.65 24.24 -1.45
CA ALA C 118 -3.36 25.59 -1.00
C ALA C 118 -4.61 26.44 -0.92
N THR C 119 -5.49 26.33 -1.92
CA THR C 119 -6.72 27.11 -1.91
C THR C 119 -7.65 26.67 -0.79
N ILE C 120 -7.81 25.36 -0.61
CA ILE C 120 -8.72 24.85 0.42
C ILE C 120 -8.23 25.25 1.81
N LEU C 121 -6.92 25.11 2.06
CA LEU C 121 -6.37 25.45 3.35
C LEU C 121 -6.45 26.93 3.66
N GLN C 122 -6.57 27.78 2.63
CA GLN C 122 -6.68 29.22 2.88
C GLN C 122 -8.03 29.58 3.49
N SER C 123 -9.08 28.97 2.99
CA SER C 123 -10.39 29.23 3.53
C SER C 123 -10.48 28.75 4.96
N THR C 124 -9.98 27.55 5.21
CA THR C 124 -10.00 26.98 6.57
C THR C 124 -9.21 27.84 7.54
N LEU C 125 -8.06 28.35 7.10
CA LEU C 125 -7.27 29.24 7.95
C LEU C 125 -8.04 30.51 8.26
N LYS C 126 -8.80 31.03 7.29
CA LYS C 126 -9.72 32.13 7.57
C LYS C 126 -10.79 31.69 8.57
N GLY C 127 -11.27 30.46 8.44
CA GLY C 127 -12.20 29.93 9.43
C GLY C 127 -11.56 29.76 10.79
N LEU C 128 -10.32 29.26 10.83
CA LEU C 128 -9.61 29.14 12.10
C LEU C 128 -9.35 30.50 12.71
N GLU C 129 -9.01 31.50 11.88
CA GLU C 129 -8.78 32.83 12.40
C GLU C 129 -10.05 33.42 13.01
N TYR C 130 -11.21 33.10 12.43
CA TYR C 130 -12.46 33.59 13.01
C TYR C 130 -12.71 32.96 14.38
N LEU C 131 -12.61 31.63 14.47
CA LEU C 131 -12.88 30.94 15.74
C LEU C 131 -11.90 31.38 16.82
N HIS C 132 -10.62 31.45 16.48
CA HIS C 132 -9.60 31.81 17.47
C HIS C 132 -9.77 33.26 17.91
N PHE C 133 -10.20 34.15 17.02
CA PHE C 133 -10.55 35.51 17.43
C PHE C 133 -11.70 35.50 18.42
N MET C 134 -12.62 34.55 18.29
CA MET C 134 -13.77 34.44 19.17
C MET C 134 -13.48 33.63 20.43
N ARG C 135 -12.20 33.38 20.73
CA ARG C 135 -11.80 32.54 21.87
C ARG C 135 -12.49 31.19 21.83
N LYS C 136 -12.37 30.51 20.68
CA LYS C 136 -12.92 29.18 20.51
C LYS C 136 -11.92 28.30 19.78
N ILE C 137 -11.94 27.02 20.10
CA ILE C 137 -11.07 26.02 19.50
C ILE C 137 -11.93 24.96 18.83
N HIS C 138 -11.63 24.65 17.57
CA HIS C 138 -12.48 23.74 16.81
C HIS C 138 -12.38 22.31 17.34
N ARG C 139 -11.15 21.82 17.55
CA ARG C 139 -10.79 20.58 18.23
C ARG C 139 -10.95 19.30 17.41
N ASP C 140 -11.45 19.35 16.18
CA ASP C 140 -11.54 18.14 15.35
C ASP C 140 -11.21 18.44 13.90
N ILE C 141 -10.12 19.15 13.66
CA ILE C 141 -9.73 19.48 12.28
C ILE C 141 -9.22 18.21 11.61
N LYS C 142 -9.98 17.71 10.64
CA LYS C 142 -9.53 16.64 9.76
C LYS C 142 -10.25 16.83 8.42
N ALA C 143 -9.77 16.11 7.39
CA ALA C 143 -10.33 16.27 6.06
C ALA C 143 -11.82 15.98 6.03
N GLY C 144 -12.29 15.10 6.92
CA GLY C 144 -13.70 14.79 6.99
C GLY C 144 -14.55 15.86 7.64
N ASN C 145 -13.94 16.90 8.20
CA ASN C 145 -14.68 17.99 8.82
C ASN C 145 -14.55 19.30 8.06
N ILE C 146 -13.88 19.29 6.90
CA ILE C 146 -13.81 20.44 6.02
C ILE C 146 -14.72 20.15 4.83
N LEU C 147 -15.82 20.88 4.73
CA LEU C 147 -16.81 20.64 3.69
C LEU C 147 -16.67 21.67 2.57
N LEU C 148 -17.01 21.24 1.36
CA LEU C 148 -17.00 22.09 0.18
C LEU C 148 -18.41 22.22 -0.37
N ASN C 149 -18.85 23.45 -0.57
CA ASN C 149 -20.09 23.64 -1.30
C ASN C 149 -19.82 23.53 -2.81
N THR C 150 -20.91 23.46 -3.59
CA THR C 150 -20.77 23.27 -5.03
C THR C 150 -20.02 24.43 -5.67
N GLU C 151 -20.07 25.61 -5.07
CA GLU C 151 -19.26 26.74 -5.53
C GLU C 151 -17.83 26.66 -5.02
N GLY C 152 -17.46 25.56 -4.36
CA GLY C 152 -16.08 25.29 -4.00
C GLY C 152 -15.54 26.01 -2.80
N HIS C 153 -16.41 26.53 -1.94
CA HIS C 153 -15.97 27.23 -0.74
C HIS C 153 -15.87 26.26 0.42
N ALA C 154 -14.71 26.26 1.08
CA ALA C 154 -14.47 25.36 2.20
C ALA C 154 -15.13 25.88 3.47
N LYS C 155 -15.75 24.98 4.21
CA LYS C 155 -16.47 25.35 5.43
C LYS C 155 -16.18 24.33 6.53
N LEU C 156 -15.97 24.84 7.74
CA LEU C 156 -15.67 23.99 8.89
C LEU C 156 -16.96 23.49 9.51
N ALA C 157 -17.03 22.17 9.75
CA ALA C 157 -18.19 21.54 10.35
C ALA C 157 -17.74 20.58 11.44
N ASP C 158 -18.71 20.04 12.16
CA ASP C 158 -18.50 18.99 13.16
C ASP C 158 -17.42 19.38 14.16
N PHE C 159 -17.73 20.43 14.93
CA PHE C 159 -16.85 20.89 15.98
C PHE C 159 -16.58 19.74 16.96
N GLY C 160 -15.31 19.38 17.11
CA GLY C 160 -14.94 18.55 18.23
C GLY C 160 -15.24 19.30 19.51
N VAL C 161 -16.24 18.83 20.25
CA VAL C 161 -16.65 19.45 21.51
C VAL C 161 -16.40 18.42 22.61
N ALA C 162 -15.64 18.83 23.62
CA ALA C 162 -15.00 17.86 24.52
C ALA C 162 -14.91 18.42 25.93
N GLY C 163 -15.71 17.85 26.84
CA GLY C 163 -15.54 17.99 28.27
C GLY C 163 -15.64 16.62 28.91
N GLN C 164 -14.62 16.22 29.65
CA GLN C 164 -14.53 14.82 30.04
C GLN C 164 -13.73 14.70 31.33
N LEU C 165 -13.94 13.57 32.01
CA LEU C 165 -13.17 13.12 33.17
C LEU C 165 -12.74 14.24 34.13
N GLY C 177 -10.56 8.85 21.26
CA GLY C 177 -10.65 7.85 20.21
C GLY C 177 -9.38 7.70 19.40
N THR C 178 -9.45 8.12 18.13
CA THR C 178 -8.29 8.05 17.26
C THR C 178 -7.48 9.34 17.38
N PRO C 179 -6.23 9.29 17.81
CA PRO C 179 -5.48 10.50 18.15
C PRO C 179 -4.59 11.06 17.04
N PHE C 180 -4.69 10.55 15.81
CA PHE C 180 -3.68 10.82 14.79
C PHE C 180 -3.58 12.31 14.45
N TRP C 181 -4.70 13.03 14.50
CA TRP C 181 -4.68 14.46 14.20
C TRP C 181 -4.40 15.33 15.42
N MET C 182 -4.36 14.75 16.61
CA MET C 182 -4.25 15.54 17.83
C MET C 182 -2.85 16.09 18.03
N ALA C 183 -2.78 17.27 18.63
CA ALA C 183 -1.51 17.88 18.98
C ALA C 183 -0.86 17.12 20.13
N PRO C 184 0.46 17.27 20.30
CA PRO C 184 1.11 16.62 21.46
C PRO C 184 0.57 17.09 22.80
N GLU C 185 0.41 18.41 22.99
CA GLU C 185 0.00 18.91 24.30
C GLU C 185 -1.46 18.63 24.62
N VAL C 186 -2.27 18.22 23.63
CA VAL C 186 -3.62 17.77 23.94
C VAL C 186 -3.66 16.27 24.19
N ILE C 187 -2.73 15.50 23.60
CA ILE C 187 -2.62 14.09 23.92
C ILE C 187 -2.11 13.90 25.34
N GLN C 188 -1.08 14.66 25.71
CA GLN C 188 -0.48 14.56 27.05
C GLN C 188 -1.36 15.18 28.13
N GLU C 189 -2.47 15.83 27.75
CA GLU C 189 -3.46 16.36 28.70
C GLU C 189 -2.81 17.37 29.63
N ILE C 190 -1.90 18.18 29.09
CA ILE C 190 -1.22 19.22 29.86
C ILE C 190 -1.88 20.58 29.65
N GLY C 191 -3.01 20.63 28.96
CA GLY C 191 -3.68 21.89 28.68
C GLY C 191 -3.27 22.44 27.32
N TYR C 192 -4.22 23.00 26.59
CA TYR C 192 -3.94 23.48 25.25
C TYR C 192 -4.77 24.74 24.96
N ASN C 193 -4.28 25.52 24.00
CA ASN C 193 -4.88 26.77 23.57
C ASN C 193 -5.26 26.67 22.09
N CYS C 194 -5.59 27.82 21.49
CA CYS C 194 -6.09 27.86 20.12
C CYS C 194 -5.15 27.18 19.13
N VAL C 195 -3.84 27.34 19.32
CA VAL C 195 -2.86 26.89 18.32
C VAL C 195 -2.82 25.37 18.23
N ALA C 196 -3.58 24.68 19.09
CA ALA C 196 -3.73 23.24 18.94
C ALA C 196 -4.39 22.91 17.61
N ASP C 197 -5.31 23.75 17.16
CA ASP C 197 -5.91 23.57 15.85
C ASP C 197 -4.89 23.74 14.73
N ILE C 198 -3.85 24.56 14.97
CA ILE C 198 -2.82 24.74 13.96
C ILE C 198 -2.03 23.45 13.75
N TRP C 199 -1.78 22.70 14.83
CA TRP C 199 -1.16 21.40 14.68
C TRP C 199 -2.04 20.47 13.85
N SER C 200 -3.34 20.42 14.17
CA SER C 200 -4.25 19.57 13.42
C SER C 200 -4.27 19.97 11.96
N LEU C 201 -4.23 21.28 11.68
CA LEU C 201 -4.24 21.75 10.30
C LEU C 201 -3.04 21.20 9.52
N GLY C 202 -1.86 21.20 10.14
CA GLY C 202 -0.69 20.66 9.48
C GLY C 202 -0.78 19.17 9.19
N ILE C 203 -1.45 18.42 10.07
CA ILE C 203 -1.60 16.99 9.85
C ILE C 203 -2.55 16.74 8.67
N THR C 204 -3.68 17.45 8.65
CA THR C 204 -4.61 17.29 7.53
C THR C 204 -4.02 17.79 6.23
N ALA C 205 -3.11 18.77 6.31
CA ALA C 205 -2.38 19.19 5.11
C ALA C 205 -1.62 18.01 4.51
N ILE C 206 -1.06 17.16 5.36
CA ILE C 206 -0.44 15.93 4.88
C ILE C 206 -1.49 14.91 4.48
N GLU C 207 -2.58 14.81 5.24
CA GLU C 207 -3.67 13.90 4.88
C GLU C 207 -4.21 14.21 3.50
N MET C 208 -4.19 15.48 3.10
CA MET C 208 -4.60 15.85 1.75
C MET C 208 -3.56 15.41 0.72
N ALA C 209 -2.28 15.57 1.05
CA ALA C 209 -1.24 15.32 0.06
C ALA C 209 -1.11 13.83 -0.27
N GLU C 210 -0.98 12.99 0.76
CA GLU C 210 -0.70 11.57 0.55
C GLU C 210 -1.87 10.65 0.88
N GLY C 211 -3.02 11.20 1.28
CA GLY C 211 -4.24 10.44 1.40
C GLY C 211 -4.57 9.92 2.79
N LYS C 212 -3.62 9.95 3.72
CA LYS C 212 -3.83 9.50 5.08
C LYS C 212 -2.87 10.24 5.98
N PRO C 213 -3.24 10.47 7.24
CA PRO C 213 -2.33 11.14 8.17
C PRO C 213 -1.17 10.23 8.55
N PRO C 214 -0.03 10.80 8.94
CA PRO C 214 1.04 9.96 9.47
C PRO C 214 0.58 9.22 10.72
N TYR C 215 1.10 8.01 10.90
CA TYR C 215 0.78 7.06 11.98
C TYR C 215 -0.56 6.36 11.75
N ALA C 216 -1.16 6.50 10.57
CA ALA C 216 -2.47 5.90 10.33
C ALA C 216 -2.40 4.38 10.41
N ASP C 217 -1.31 3.80 9.93
CA ASP C 217 -1.10 2.37 10.04
C ASP C 217 -0.66 1.94 11.44
N ILE C 218 -0.39 2.89 12.32
CA ILE C 218 0.05 2.61 13.67
C ILE C 218 -1.16 2.53 14.59
N HIS C 219 -1.16 1.53 15.47
CA HIS C 219 -2.29 1.32 16.37
C HIS C 219 -2.47 2.53 17.27
N PRO C 220 -3.72 2.93 17.57
CA PRO C 220 -3.92 4.08 18.46
C PRO C 220 -3.22 3.98 19.80
N MET C 221 -3.39 2.88 20.53
CA MET C 221 -2.76 2.73 21.84
C MET C 221 -1.24 2.77 21.77
N ARG C 222 -0.66 2.72 20.57
CA ARG C 222 0.76 3.00 20.38
C ARG C 222 1.01 4.47 20.06
N ALA C 223 0.17 5.07 19.21
CA ALA C 223 0.36 6.45 18.80
C ALA C 223 0.16 7.43 19.95
N ILE C 224 -0.52 7.02 21.02
CA ILE C 224 -0.68 7.89 22.18
C ILE C 224 0.66 8.27 22.78
N PHE C 225 1.63 7.36 22.70
CA PHE C 225 2.95 7.59 23.28
C PHE C 225 3.98 8.06 22.27
N MET C 226 3.83 7.70 20.99
CA MET C 226 4.82 8.08 20.00
C MET C 226 4.70 9.53 19.58
N ILE C 227 3.47 10.02 19.38
CA ILE C 227 3.30 11.41 18.92
C ILE C 227 3.94 12.42 19.85
N PRO C 228 3.69 12.40 21.17
CA PRO C 228 4.28 13.45 22.02
C PRO C 228 5.80 13.48 22.05
N THR C 229 6.44 12.30 22.02
CA THR C 229 7.89 12.25 22.22
C THR C 229 8.69 12.15 20.92
N ASN C 230 8.08 11.71 19.83
CA ASN C 230 8.80 11.56 18.56
C ASN C 230 8.84 12.89 17.82
N PRO C 231 9.70 13.01 16.80
CA PRO C 231 9.79 14.25 16.02
C PRO C 231 8.52 14.51 15.24
N PRO C 232 8.29 15.75 14.81
CA PRO C 232 7.13 16.05 13.96
C PRO C 232 7.19 15.28 12.65
N PRO C 233 6.04 14.85 12.13
CA PRO C 233 6.04 14.04 10.91
C PRO C 233 6.31 14.89 9.67
N THR C 234 6.52 14.19 8.54
CA THR C 234 6.83 14.83 7.27
C THR C 234 6.16 14.02 6.16
N PHE C 235 6.41 14.40 4.92
CA PHE C 235 5.91 13.64 3.78
C PHE C 235 6.69 12.34 3.62
N ARG C 236 6.01 11.31 3.12
CA ARG C 236 6.68 10.03 2.88
C ARG C 236 7.80 10.19 1.86
N LYS C 237 7.56 10.97 0.81
CA LYS C 237 8.54 11.26 -0.22
C LYS C 237 8.68 12.78 -0.31
N PRO C 238 9.54 13.38 0.52
CA PRO C 238 9.61 14.85 0.58
C PRO C 238 10.03 15.51 -0.72
N GLU C 239 10.72 14.79 -1.62
CA GLU C 239 11.15 15.40 -2.87
C GLU C 239 9.97 15.75 -3.78
N LEU C 240 8.80 15.16 -3.55
CA LEU C 240 7.65 15.39 -4.40
C LEU C 240 6.96 16.73 -4.17
N TRP C 241 7.38 17.49 -3.16
CA TRP C 241 6.61 18.64 -2.71
C TRP C 241 7.48 19.89 -2.69
N SER C 242 6.84 21.03 -2.95
CA SER C 242 7.55 22.27 -3.17
C SER C 242 8.09 22.83 -1.85
N ASP C 243 8.93 23.86 -1.97
CA ASP C 243 9.59 24.45 -0.81
C ASP C 243 8.57 25.05 0.16
N ASN C 244 7.61 25.81 -0.37
CA ASN C 244 6.65 26.49 0.49
C ASN C 244 5.71 25.51 1.17
N PHE C 245 5.35 24.41 0.50
CA PHE C 245 4.47 23.42 1.11
C PHE C 245 5.15 22.75 2.30
N THR C 246 6.41 22.37 2.15
CA THR C 246 7.12 21.71 3.25
C THR C 246 7.29 22.65 4.44
N ASP C 247 7.66 23.91 4.18
CA ASP C 247 7.81 24.86 5.28
C ASP C 247 6.47 25.21 5.91
N PHE C 248 5.39 25.23 5.13
CA PHE C 248 4.07 25.46 5.70
C PHE C 248 3.69 24.37 6.68
N VAL C 249 3.84 23.10 6.27
CA VAL C 249 3.55 21.99 7.15
C VAL C 249 4.53 21.97 8.32
N LYS C 250 5.78 22.36 8.07
CA LYS C 250 6.76 22.41 9.16
C LYS C 250 6.37 23.45 10.20
N GLN C 251 5.92 24.63 9.76
CA GLN C 251 5.53 25.67 10.70
C GLN C 251 4.27 25.27 11.48
N CYS C 252 3.38 24.52 10.84
CA CYS C 252 2.19 24.04 11.53
C CYS C 252 2.55 23.04 12.61
N LEU C 253 3.42 22.08 12.29
CA LEU C 253 3.74 20.98 13.21
C LEU C 253 4.94 21.37 14.07
N VAL C 254 4.66 22.23 15.04
CA VAL C 254 5.62 22.65 16.05
C VAL C 254 5.19 22.08 17.39
N LYS C 255 6.14 21.49 18.13
CA LYS C 255 5.81 20.78 19.35
C LYS C 255 5.32 21.73 20.43
N SER C 256 6.14 22.70 20.81
CA SER C 256 5.76 23.63 21.87
C SER C 256 4.61 24.51 21.41
N PRO C 257 3.48 24.54 22.12
CA PRO C 257 2.34 25.36 21.67
C PRO C 257 2.66 26.84 21.60
N GLU C 258 3.51 27.35 22.50
CA GLU C 258 3.90 28.75 22.43
C GLU C 258 4.71 29.03 21.17
N GLN C 259 5.61 28.12 20.81
CA GLN C 259 6.43 28.27 19.61
C GLN C 259 5.66 28.01 18.32
N ARG C 260 4.35 27.84 18.38
CA ARG C 260 3.54 27.54 17.21
C ARG C 260 2.85 28.81 16.71
N ALA C 261 2.76 28.93 15.39
CA ALA C 261 2.19 30.12 14.78
C ALA C 261 0.67 30.11 14.89
N THR C 262 0.08 31.30 14.79
CA THR C 262 -1.36 31.45 14.84
C THR C 262 -1.95 31.37 13.43
N ALA C 263 -3.27 31.24 13.36
CA ALA C 263 -3.95 31.22 12.07
C ALA C 263 -3.71 32.51 11.30
N THR C 264 -3.60 33.64 12.00
CA THR C 264 -3.29 34.90 11.35
C THR C 264 -1.91 34.85 10.69
N GLN C 265 -0.91 34.34 11.41
CA GLN C 265 0.45 34.31 10.88
C GLN C 265 0.57 33.37 9.70
N LEU C 266 -0.16 32.25 9.69
CA LEU C 266 -0.08 31.32 8.58
C LEU C 266 -0.75 31.86 7.33
N LEU C 267 -1.66 32.83 7.47
CA LEU C 267 -2.25 33.46 6.30
C LEU C 267 -1.23 34.26 5.51
N GLN C 268 -0.08 34.56 6.11
CA GLN C 268 1.01 35.24 5.42
C GLN C 268 2.11 34.29 4.97
N HIS C 269 1.91 32.99 5.12
CA HIS C 269 2.88 32.07 4.56
C HIS C 269 2.74 32.04 3.04
N PRO C 270 3.86 31.97 2.31
CA PRO C 270 3.78 32.02 0.84
C PRO C 270 2.94 30.92 0.22
N PHE C 271 2.80 29.77 0.90
CA PHE C 271 1.98 28.69 0.36
C PHE C 271 0.51 29.10 0.27
N VAL C 272 0.01 29.84 1.25
CA VAL C 272 -1.40 30.19 1.30
C VAL C 272 -1.68 31.64 0.89
N ARG C 273 -0.70 32.53 1.00
CA ARG C 273 -0.88 33.89 0.50
C ARG C 273 -0.97 33.89 -1.02
N SER C 274 -0.35 32.91 -1.67
CA SER C 274 -0.45 32.72 -3.11
C SER C 274 -1.48 31.65 -3.48
N ALA C 275 -2.53 31.52 -2.69
CA ALA C 275 -3.59 30.58 -3.02
C ALA C 275 -4.29 31.00 -4.30
N LYS C 276 -4.64 30.02 -5.12
CA LYS C 276 -5.47 30.33 -6.28
C LYS C 276 -6.90 30.55 -5.83
N GLY C 277 -7.70 31.10 -6.74
CA GLY C 277 -9.13 31.18 -6.49
C GLY C 277 -9.76 29.81 -6.41
N VAL C 278 -11.06 29.82 -6.06
CA VAL C 278 -11.82 28.58 -6.00
C VAL C 278 -11.83 27.85 -7.34
N SER C 279 -11.47 28.56 -8.43
CA SER C 279 -11.58 28.01 -9.78
C SER C 279 -10.81 26.70 -9.94
N ILE C 280 -9.74 26.51 -9.19
CA ILE C 280 -8.92 25.31 -9.34
C ILE C 280 -9.65 24.08 -8.88
N LEU C 281 -10.60 24.25 -7.97
CA LEU C 281 -11.27 23.11 -7.39
C LEU C 281 -12.41 22.62 -8.22
N ARG C 282 -12.75 23.31 -9.28
CA ARG C 282 -13.92 22.96 -10.05
C ARG C 282 -13.85 21.59 -10.67
N ASP C 283 -12.69 21.24 -11.17
CA ASP C 283 -12.54 19.94 -11.77
C ASP C 283 -12.80 18.86 -10.74
N LEU C 284 -12.31 19.02 -9.52
CA LEU C 284 -12.48 17.96 -8.52
C LEU C 284 -13.89 17.90 -8.08
N ILE C 285 -14.51 19.05 -7.95
CA ILE C 285 -15.90 19.11 -7.51
C ILE C 285 -16.83 18.48 -8.54
N ASN C 286 -16.67 18.87 -9.80
CA ASN C 286 -17.49 18.29 -10.87
C ASN C 286 -17.25 16.79 -10.97
N GLU C 287 -16.00 16.35 -10.85
CA GLU C 287 -15.69 14.93 -10.85
C GLU C 287 -16.37 14.22 -9.68
N ALA C 288 -16.19 14.74 -8.46
CA ALA C 288 -16.63 14.03 -7.27
C ALA C 288 -18.14 13.88 -7.23
N MET C 289 -18.88 14.85 -7.77
CA MET C 289 -20.33 14.79 -7.69
C MET C 289 -20.94 13.90 -8.77
N ASP C 290 -20.22 13.63 -9.86
CA ASP C 290 -20.70 12.63 -10.80
C ASP C 290 -20.62 11.23 -10.19
N VAL C 291 -19.59 10.99 -9.37
CA VAL C 291 -19.50 9.73 -8.64
C VAL C 291 -20.66 9.59 -7.66
N LYS C 292 -20.98 10.68 -6.96
CA LYS C 292 -22.10 10.65 -6.02
C LYS C 292 -23.43 10.46 -6.76
N LEU C 293 -23.65 11.20 -7.85
CA LEU C 293 -24.92 11.12 -8.55
C LEU C 293 -25.14 9.76 -9.18
N LYS C 294 -24.08 9.16 -9.75
CA LYS C 294 -24.22 7.83 -10.34
C LYS C 294 -24.54 6.79 -9.26
N ARG C 295 -23.87 6.87 -8.11
CA ARG C 295 -24.13 5.92 -7.04
C ARG C 295 -25.55 6.08 -6.49
N GLN C 296 -26.03 7.33 -6.41
CA GLN C 296 -27.40 7.55 -5.97
C GLN C 296 -28.42 7.19 -7.03
N GLU C 297 -28.01 7.14 -8.30
CA GLU C 297 -28.93 6.70 -9.36
C GLU C 297 -29.14 5.19 -9.32
N SER C 298 -28.07 4.44 -9.04
CA SER C 298 -28.16 2.98 -9.03
C SER C 298 -28.76 2.42 -7.75
N GLN C 299 -28.85 3.22 -6.69
CA GLN C 299 -29.44 2.76 -5.44
C GLN C 299 -30.92 3.13 -5.38
N ALA D 1 -10.72 0.63 30.33
CA ALA D 1 -10.23 -0.72 30.08
C ALA D 1 -8.79 -0.69 29.56
N GLN D 2 -7.83 -0.72 30.48
CA GLN D 2 -6.42 -0.61 30.14
C GLN D 2 -5.64 -1.87 30.45
N GLY D 3 -5.64 -2.31 31.70
CA GLY D 3 -4.86 -3.47 32.12
C GLY D 3 -3.37 -3.19 32.18
N LEU D 4 -2.61 -4.26 32.41
CA LEU D 4 -1.15 -4.17 32.41
C LEU D 4 -0.58 -3.92 31.03
N ALA D 5 -1.35 -4.16 29.96
CA ALA D 5 -0.84 -3.98 28.60
C ALA D 5 -0.44 -2.52 28.33
N MET D 6 -1.17 -1.56 28.89
CA MET D 6 -0.78 -0.17 28.75
C MET D 6 0.58 0.10 29.38
N TYR D 7 0.84 -0.52 30.53
CA TYR D 7 2.15 -0.39 31.16
C TYR D 7 3.25 -0.92 30.24
N LEU D 8 3.02 -2.07 29.60
CA LEU D 8 4.05 -2.68 28.76
C LEU D 8 4.42 -1.81 27.58
N GLN D 9 3.43 -1.34 26.82
CA GLN D 9 3.76 -0.59 25.60
C GLN D 9 4.10 0.87 25.89
N GLU D 10 3.68 1.42 27.03
CA GLU D 10 4.10 2.76 27.40
C GLU D 10 5.63 2.86 27.40
N ASN D 11 6.29 1.88 28.01
CA ASN D 11 7.74 1.83 27.95
C ASN D 11 8.18 1.39 26.56
N GLY D 12 7.47 0.45 25.96
CA GLY D 12 7.67 0.08 24.56
C GLY D 12 9.13 -0.20 24.24
N ILE D 13 9.54 0.16 23.03
CA ILE D 13 10.92 0.00 22.57
C ILE D 13 11.42 1.36 22.09
N ASP D 14 12.57 1.76 22.58
CA ASP D 14 13.24 2.98 22.15
C ASP D 14 14.58 2.60 21.54
N CYS D 15 14.85 3.11 20.35
CA CYS D 15 16.15 2.84 19.74
C CYS D 15 17.23 3.52 20.56
N PRO D 16 18.29 2.81 20.95
CA PRO D 16 19.35 3.48 21.72
C PRO D 16 20.14 4.47 20.87
N LYS D 17 20.34 4.18 19.59
CA LYS D 17 21.17 5.05 18.76
C LYS D 17 20.46 6.36 18.45
N CYS D 18 19.19 6.29 18.04
CA CYS D 18 18.36 7.48 17.85
C CYS D 18 17.16 7.43 18.78
N LYS D 19 16.86 8.55 19.43
CA LYS D 19 15.81 8.60 20.44
C LYS D 19 14.43 8.60 19.77
N PHE D 20 14.06 7.42 19.26
CA PHE D 20 12.77 7.23 18.62
C PHE D 20 11.99 6.19 19.40
N SER D 21 10.78 6.56 19.84
CA SER D 21 9.96 5.67 20.64
C SER D 21 9.06 4.84 19.73
N TYR D 22 9.03 3.53 19.99
CA TYR D 22 8.01 2.64 19.45
C TYR D 22 7.28 2.07 20.64
N ALA D 23 5.96 2.06 20.59
CA ALA D 23 5.17 1.56 21.73
C ALA D 23 4.92 0.05 21.57
N LEU D 24 6.00 -0.66 21.37
CA LEU D 24 5.98 -2.08 21.02
C LEU D 24 6.64 -2.87 22.13
N ALA D 25 6.02 -3.98 22.51
CA ALA D 25 6.60 -4.80 23.56
C ALA D 25 7.86 -5.49 23.04
N ARG D 26 8.60 -6.11 23.96
CA ARG D 26 9.82 -6.80 23.62
C ARG D 26 9.60 -8.27 23.28
N GLY D 27 8.35 -8.70 23.18
CA GLY D 27 8.06 -10.10 22.91
C GLY D 27 8.42 -10.53 21.51
N GLY D 28 8.40 -11.86 21.32
CA GLY D 28 8.71 -12.45 20.03
C GLY D 28 10.16 -12.25 19.63
N CYS D 29 10.38 -11.97 18.34
CA CYS D 29 11.73 -11.83 17.80
C CYS D 29 12.43 -10.65 18.47
N MET D 30 13.44 -10.93 19.30
CA MET D 30 14.08 -9.89 20.09
C MET D 30 15.21 -9.16 19.38
N HIS D 31 15.59 -9.56 18.17
CA HIS D 31 16.50 -8.75 17.36
C HIS D 31 15.67 -7.77 16.53
N PHE D 32 15.77 -6.49 16.88
CA PHE D 32 14.89 -5.43 16.42
C PHE D 32 15.63 -4.49 15.50
N HIS D 33 15.03 -4.19 14.36
CA HIS D 33 15.62 -3.29 13.37
C HIS D 33 14.95 -1.93 13.45
N CYS D 34 15.73 -0.90 13.75
CA CYS D 34 15.20 0.45 13.82
C CYS D 34 14.85 0.97 12.43
N THR D 35 13.63 1.52 12.30
CA THR D 35 13.19 2.04 11.01
C THR D 35 13.83 3.37 10.66
N GLN D 36 14.22 4.17 11.67
CA GLN D 36 14.75 5.49 11.39
C GLN D 36 16.22 5.46 10.99
N CYS D 37 17.02 4.57 11.59
CA CYS D 37 18.46 4.57 11.35
C CYS D 37 19.05 3.19 11.10
N ARG D 38 18.21 2.17 10.87
CA ARG D 38 18.65 0.83 10.47
C ARG D 38 19.52 0.15 11.52
N HIS D 39 19.53 0.63 12.76
CA HIS D 39 20.36 0.02 13.78
C HIS D 39 19.79 -1.33 14.20
N GLN D 40 20.67 -2.34 14.27
CA GLN D 40 20.31 -3.63 14.83
C GLN D 40 20.62 -3.63 16.31
N PHE D 41 19.67 -4.08 17.12
CA PHE D 41 19.86 -4.12 18.56
C PHE D 41 18.91 -5.13 19.19
N CYS D 42 19.19 -5.46 20.44
CA CYS D 42 18.33 -6.32 21.25
C CYS D 42 17.31 -5.45 21.97
N SER D 43 16.03 -5.79 21.83
CA SER D 43 14.98 -5.00 22.46
C SER D 43 15.09 -5.03 23.98
N GLY D 44 15.70 -6.08 24.53
CA GLY D 44 15.83 -6.22 25.97
C GLY D 44 16.93 -5.38 26.59
N CYS D 45 18.18 -5.60 26.19
CA CYS D 45 19.33 -4.96 26.80
C CYS D 45 19.89 -3.81 25.98
N TYR D 46 19.35 -3.56 24.79
CA TYR D 46 19.77 -2.45 23.92
C TYR D 46 21.21 -2.61 23.45
N ASN D 47 21.67 -3.85 23.26
CA ASN D 47 23.00 -4.13 22.73
C ASN D 47 22.95 -4.33 21.23
N ALA D 48 24.07 -4.00 20.56
CA ALA D 48 24.12 -4.08 19.11
C ALA D 48 24.14 -5.54 18.65
N PHE D 49 23.35 -5.83 17.61
CA PHE D 49 23.20 -7.18 17.06
C PHE D 49 24.15 -7.34 15.88
N TYR D 50 25.41 -7.62 16.20
CA TYR D 50 26.45 -7.78 15.19
C TYR D 50 26.24 -9.05 14.36
N ALA D 51 25.96 -8.89 13.06
CA ALA D 51 25.56 -9.98 12.18
C ALA D 51 26.81 -10.53 11.49
N LYS D 52 27.48 -11.47 12.15
CA LYS D 52 28.77 -12.01 11.68
C LYS D 52 29.76 -10.89 11.39
N ASN D 53 29.70 -9.83 12.19
CA ASN D 53 30.54 -8.66 12.01
C ASN D 53 31.81 -8.77 12.86
N LYS D 54 32.51 -7.63 12.99
CA LYS D 54 33.72 -7.54 13.79
C LYS D 54 33.35 -6.85 15.09
N CYS D 55 33.15 -7.65 16.13
CA CYS D 55 32.70 -7.13 17.41
C CYS D 55 33.71 -6.14 17.98
N PRO D 56 33.30 -4.91 18.30
CA PRO D 56 34.20 -4.04 19.07
C PRO D 56 34.47 -4.61 20.45
N GLU D 57 33.62 -5.51 20.93
CA GLU D 57 33.85 -6.16 22.20
C GLU D 57 35.05 -7.11 22.08
N PRO D 58 35.94 -7.11 23.07
CA PRO D 58 37.07 -8.04 23.05
C PRO D 58 36.64 -9.45 23.44
N ASN D 59 37.51 -10.41 23.10
CA ASN D 59 37.35 -11.81 23.50
C ASN D 59 36.01 -12.41 23.03
N CYS D 60 35.65 -12.14 21.78
CA CYS D 60 34.42 -12.68 21.20
C CYS D 60 34.68 -14.12 20.79
N ARG D 61 34.07 -15.08 21.50
CA ARG D 61 34.34 -16.49 21.19
C ARG D 61 33.86 -16.88 19.79
N VAL D 62 32.69 -16.38 19.36
CA VAL D 62 32.10 -16.82 18.10
C VAL D 62 31.71 -15.61 17.26
N LYS D 63 32.62 -15.19 16.38
CA LYS D 63 32.29 -14.21 15.35
C LYS D 63 31.67 -14.87 14.12
N LYS D 64 31.67 -16.21 14.08
CA LYS D 64 31.26 -16.96 12.89
C LYS D 64 29.78 -16.82 12.58
N SER D 65 28.93 -16.59 13.58
CA SER D 65 27.48 -16.63 13.36
C SER D 65 26.80 -15.43 13.98
N LEU D 66 25.50 -15.34 13.71
CA LEU D 66 24.66 -14.25 14.24
C LEU D 66 24.70 -14.27 15.75
N HIS D 67 25.13 -13.16 16.36
CA HIS D 67 25.22 -13.16 17.82
C HIS D 67 25.19 -11.75 18.35
N GLY D 68 24.84 -11.66 19.64
CA GLY D 68 24.91 -10.42 20.38
C GLY D 68 25.31 -10.73 21.81
N HIS D 69 25.82 -9.71 22.49
CA HIS D 69 26.27 -9.86 23.86
C HIS D 69 25.23 -9.29 24.81
N HIS D 70 24.76 -10.11 25.76
CA HIS D 70 23.69 -9.73 26.66
C HIS D 70 24.15 -9.85 28.11
N PRO D 71 23.81 -8.89 28.97
CA PRO D 71 24.05 -9.05 30.40
C PRO D 71 23.22 -10.18 30.97
N ARG D 72 23.57 -10.60 32.19
CA ARG D 72 22.90 -11.75 32.80
C ARG D 72 21.44 -11.44 33.13
N ASP D 73 21.11 -10.18 33.41
CA ASP D 73 19.75 -9.80 33.75
C ASP D 73 18.97 -9.25 32.56
N CYS D 74 19.40 -9.53 31.34
CA CYS D 74 18.65 -9.15 30.17
C CYS D 74 17.43 -10.05 29.98
N LEU D 75 16.37 -9.47 29.43
CA LEU D 75 15.17 -10.24 29.09
C LEU D 75 15.48 -11.35 28.09
N PHE D 76 16.56 -11.23 27.33
CA PHE D 76 16.97 -12.28 26.40
C PHE D 76 17.18 -13.61 27.11
N TYR D 77 17.56 -13.58 28.39
CA TYR D 77 17.73 -14.78 29.19
C TYR D 77 16.55 -15.07 30.10
N LEU D 78 16.05 -14.04 30.81
CA LEU D 78 15.02 -14.25 31.82
C LEU D 78 13.70 -14.71 31.23
N ARG D 79 13.47 -14.51 29.93
CA ARG D 79 12.26 -15.04 29.30
C ARG D 79 12.20 -16.56 29.43
N ASP D 80 13.35 -17.22 29.51
CA ASP D 80 13.40 -18.67 29.58
C ASP D 80 13.09 -19.19 30.98
N TRP D 81 13.25 -18.36 32.00
CA TRP D 81 12.86 -18.74 33.36
C TRP D 81 11.37 -19.01 33.42
N THR D 82 10.96 -19.81 34.40
CA THR D 82 9.55 -20.04 34.64
C THR D 82 8.91 -18.77 35.20
N ALA D 83 7.59 -18.69 35.06
CA ALA D 83 6.84 -17.59 35.68
C ALA D 83 7.03 -17.60 37.21
N LEU D 84 7.14 -18.79 37.80
CA LEU D 84 7.27 -18.88 39.26
C LEU D 84 8.64 -18.40 39.72
N ARG D 85 9.71 -18.78 39.03
CA ARG D 85 11.05 -18.44 39.48
C ARG D 85 11.29 -16.94 39.44
N LEU D 86 10.80 -16.25 38.40
CA LEU D 86 10.88 -14.80 38.37
C LEU D 86 10.15 -14.19 39.57
N GLN D 87 8.98 -14.73 39.90
CA GLN D 87 8.25 -14.25 41.07
C GLN D 87 9.04 -14.43 42.36
N LYS D 88 9.90 -15.46 42.42
CA LYS D 88 10.72 -15.66 43.62
C LYS D 88 11.78 -14.58 43.75
N LEU D 89 12.46 -14.26 42.66
CA LEU D 89 13.45 -13.18 42.69
C LEU D 89 12.82 -11.88 43.15
N LEU D 90 11.62 -11.57 42.66
CA LEU D 90 10.90 -10.39 43.13
C LEU D 90 10.53 -10.51 44.60
N GLN D 91 9.99 -11.66 45.00
CA GLN D 91 9.57 -11.86 46.39
C GLN D 91 10.76 -11.77 47.35
N ASP D 92 11.90 -12.36 46.97
CA ASP D 92 13.06 -12.35 47.86
C ASP D 92 13.55 -10.94 48.15
N ASN D 93 13.30 -9.99 47.24
CA ASN D 93 13.62 -8.60 47.46
C ASN D 93 12.39 -7.78 47.82
N ASN D 94 11.27 -8.44 48.11
CA ASN D 94 10.08 -7.79 48.64
C ASN D 94 9.52 -6.76 47.66
N VAL D 95 9.51 -7.11 46.38
CA VAL D 95 8.93 -6.28 45.34
C VAL D 95 7.58 -6.88 44.96
N MET D 96 6.52 -6.13 45.20
CA MET D 96 5.18 -6.62 44.92
C MET D 96 4.93 -6.66 43.41
N PHE D 97 4.01 -7.52 43.02
CA PHE D 97 3.66 -7.67 41.62
C PHE D 97 2.20 -8.07 41.50
N ASN D 98 1.63 -7.82 40.33
CA ASN D 98 0.24 -8.19 40.07
C ASN D 98 0.17 -9.68 39.77
N THR D 99 -0.87 -10.32 40.32
CA THR D 99 -1.24 -11.67 39.91
C THR D 99 -2.62 -11.72 39.27
N GLU D 100 -3.51 -10.87 39.68
CA GLU D 100 -4.78 -10.50 39.09
C GLU D 100 -4.65 -9.17 38.36
N PRO D 101 -5.41 -8.97 37.29
CA PRO D 101 -5.33 -7.71 36.57
C PRO D 101 -5.71 -6.55 37.47
N PRO D 102 -5.16 -5.36 37.23
CA PRO D 102 -5.55 -4.19 38.02
C PRO D 102 -7.05 -3.90 37.85
N ALA D 103 -7.61 -3.26 38.88
CA ALA D 103 -9.07 -3.13 39.00
C ALA D 103 -9.71 -2.54 37.74
N GLY D 104 -9.01 -1.64 37.06
CA GLY D 104 -9.52 -1.00 35.86
C GLY D 104 -9.75 -1.94 34.69
N ALA D 105 -9.24 -3.17 34.77
CA ALA D 105 -9.31 -4.11 33.67
C ALA D 105 -10.73 -4.59 33.41
N ARG D 106 -11.05 -4.76 32.12
CA ARG D 106 -12.33 -5.26 31.66
C ARG D 106 -12.16 -6.69 31.16
N ALA D 107 -13.27 -7.34 30.82
CA ALA D 107 -13.27 -8.74 30.46
C ALA D 107 -12.38 -8.98 29.24
N VAL D 108 -11.68 -10.11 29.26
CA VAL D 108 -10.78 -10.48 28.17
C VAL D 108 -11.59 -10.85 26.92
N PRO D 109 -11.49 -10.07 25.85
CA PRO D 109 -12.22 -10.40 24.61
C PRO D 109 -11.50 -11.47 23.81
N GLY D 110 -12.26 -12.47 23.34
CA GLY D 110 -11.73 -13.47 22.44
C GLY D 110 -10.44 -14.10 22.92
N GLY D 111 -9.34 -13.81 22.23
CA GLY D 111 -8.05 -14.32 22.67
C GLY D 111 -7.65 -13.76 24.03
N GLY D 112 -7.89 -12.47 24.24
CA GLY D 112 -7.73 -11.87 25.55
C GLY D 112 -6.54 -10.97 25.78
N CYS D 113 -5.36 -11.38 25.31
CA CYS D 113 -4.17 -10.57 25.56
C CYS D 113 -4.22 -9.31 24.70
N ARG D 114 -4.13 -8.15 25.36
CA ARG D 114 -4.29 -6.85 24.72
C ARG D 114 -2.97 -6.20 24.36
N VAL D 115 -1.85 -6.90 24.55
CA VAL D 115 -0.57 -6.37 24.10
C VAL D 115 -0.59 -6.22 22.59
N ILE D 116 -0.20 -5.06 22.11
CA ILE D 116 -0.24 -4.76 20.68
C ILE D 116 1.05 -5.25 20.05
N GLU D 117 0.93 -6.03 18.99
CA GLU D 117 2.07 -6.63 18.32
C GLU D 117 2.00 -6.33 16.83
N GLN D 118 3.18 -6.19 16.21
CA GLN D 118 3.25 -6.07 14.76
C GLN D 118 3.13 -7.49 14.24
N LYS D 119 1.97 -7.83 13.70
CA LYS D 119 1.68 -9.18 13.24
C LYS D 119 1.67 -9.21 11.72
N GLU D 120 2.38 -10.17 11.16
CA GLU D 120 2.42 -10.33 9.71
C GLU D 120 1.04 -10.71 9.18
N VAL D 121 0.51 -9.87 8.31
CA VAL D 121 -0.78 -10.05 7.67
C VAL D 121 -0.51 -10.17 6.17
N PRO D 122 -1.47 -10.58 5.34
CA PRO D 122 -1.21 -10.66 3.90
C PRO D 122 -0.74 -9.32 3.34
N ASN D 123 0.39 -9.37 2.64
CA ASN D 123 0.94 -8.24 1.88
C ASN D 123 1.27 -7.04 2.79
N GLY D 124 1.83 -7.30 3.96
CA GLY D 124 2.32 -6.21 4.77
C GLY D 124 2.27 -6.53 6.25
N LEU D 125 2.47 -5.48 7.05
CA LEU D 125 2.50 -5.55 8.50
C LEU D 125 1.34 -4.75 9.07
N ARG D 126 0.60 -5.34 10.00
CA ARG D 126 -0.52 -4.68 10.64
C ARG D 126 -0.41 -4.86 12.15
N ASP D 127 -0.61 -3.78 12.90
CA ASP D 127 -0.59 -3.87 14.36
C ASP D 127 -1.91 -4.47 14.83
N GLU D 128 -1.84 -5.60 15.53
CA GLU D 128 -3.01 -6.27 16.07
C GLU D 128 -2.69 -6.75 17.48
N ALA D 129 -3.74 -6.91 18.27
CA ALA D 129 -3.60 -7.40 19.63
C ALA D 129 -3.03 -8.82 19.63
N CYS D 130 -2.24 -9.12 20.67
CA CYS D 130 -1.60 -10.42 20.77
C CYS D 130 -2.63 -11.55 20.76
N GLY D 131 -3.66 -11.42 21.58
CA GLY D 131 -4.77 -12.38 21.53
C GLY D 131 -4.44 -13.77 21.99
N LYS D 132 -3.32 -13.96 22.69
CA LYS D 132 -3.03 -15.27 23.24
C LYS D 132 -3.80 -15.47 24.55
N GLU D 133 -3.83 -16.73 25.00
CA GLU D 133 -4.65 -17.07 26.16
C GLU D 133 -4.14 -16.36 27.41
N THR D 134 -5.08 -15.89 28.23
CA THR D 134 -4.77 -15.15 29.45
C THR D 134 -5.02 -16.05 30.66
N PRO D 135 -4.00 -16.74 31.16
CA PRO D 135 -4.21 -17.66 32.29
C PRO D 135 -4.53 -16.92 33.57
N ALA D 136 -5.26 -17.60 34.45
CA ALA D 136 -5.48 -17.10 35.79
C ALA D 136 -4.15 -17.02 36.55
N GLY D 137 -3.99 -15.95 37.33
CA GLY D 137 -2.75 -15.70 38.03
C GLY D 137 -1.68 -15.04 37.19
N TYR D 138 -1.85 -14.95 35.88
CA TYR D 138 -0.94 -14.23 35.00
C TYR D 138 -1.42 -12.80 34.73
N ALA D 139 -2.29 -12.28 35.60
CA ALA D 139 -2.71 -10.87 35.59
C ALA D 139 -3.39 -10.45 34.29
N GLY D 140 -4.07 -11.38 33.63
CA GLY D 140 -4.77 -11.05 32.41
C GLY D 140 -3.89 -10.91 31.19
N LEU D 141 -2.61 -11.24 31.30
CA LEU D 141 -1.69 -11.30 30.17
C LEU D 141 -1.45 -12.75 29.78
N CYS D 142 -0.87 -12.93 28.60
CA CYS D 142 -0.42 -14.26 28.23
C CYS D 142 0.88 -14.57 28.97
N GLN D 143 1.31 -15.84 28.88
CA GLN D 143 2.50 -16.27 29.62
C GLN D 143 3.72 -15.45 29.21
N ALA D 144 3.93 -15.27 27.91
CA ALA D 144 5.11 -14.55 27.43
C ALA D 144 5.13 -13.11 27.94
N HIS D 145 4.01 -12.41 27.81
CA HIS D 145 3.97 -11.01 28.21
C HIS D 145 3.92 -10.85 29.73
N TYR D 146 3.38 -11.83 30.45
CA TYR D 146 3.40 -11.75 31.90
C TYR D 146 4.83 -11.88 32.43
N LYS D 147 5.60 -12.81 31.88
CA LYS D 147 7.02 -12.91 32.22
C LYS D 147 7.74 -11.61 31.88
N GLU D 148 7.47 -11.06 30.69
CA GLU D 148 8.07 -9.79 30.30
C GLU D 148 7.67 -8.69 31.28
N TYR D 149 6.41 -8.71 31.75
CA TYR D 149 5.99 -7.79 32.80
C TYR D 149 6.83 -7.97 34.05
N LEU D 150 7.07 -9.22 34.46
CA LEU D 150 7.87 -9.49 35.64
C LEU D 150 9.29 -8.97 35.46
N VAL D 151 9.88 -9.17 34.28
CA VAL D 151 11.26 -8.76 34.03
C VAL D 151 11.41 -7.25 34.13
N SER D 152 10.36 -6.51 33.77
CA SER D 152 10.44 -5.05 33.87
C SER D 152 10.56 -4.60 35.32
N LEU D 153 9.80 -5.24 36.22
CA LEU D 153 9.96 -4.98 37.65
C LEU D 153 11.35 -5.39 38.13
N ILE D 154 11.83 -6.54 37.69
CA ILE D 154 13.17 -6.99 38.07
C ILE D 154 14.23 -6.03 37.53
N ASN D 155 14.08 -5.61 36.27
CA ASN D 155 15.00 -4.63 35.72
C ASN D 155 14.83 -3.27 36.40
N ALA D 156 13.61 -2.93 36.81
CA ALA D 156 13.37 -1.62 37.41
C ALA D 156 14.17 -1.43 38.69
N HIS D 157 14.22 -2.45 39.54
CA HIS D 157 14.91 -2.37 40.80
C HIS D 157 16.32 -2.95 40.75
N SER D 158 16.80 -3.28 39.55
CA SER D 158 18.16 -3.78 39.34
C SER D 158 18.44 -5.00 40.21
N LEU D 159 17.45 -5.89 40.32
CA LEU D 159 17.64 -7.13 41.06
C LEU D 159 18.60 -8.05 40.32
N ASP D 160 19.39 -8.80 41.09
CA ASP D 160 20.42 -9.64 40.49
C ASP D 160 19.90 -11.07 40.38
N PRO D 161 19.65 -11.59 39.18
CA PRO D 161 19.25 -13.00 39.04
C PRO D 161 20.31 -13.98 39.49
N ALA D 162 21.59 -13.57 39.51
CA ALA D 162 22.67 -14.46 39.95
C ALA D 162 22.51 -14.88 41.40
N THR D 163 21.72 -14.15 42.19
CA THR D 163 21.43 -14.53 43.57
C THR D 163 20.64 -15.82 43.68
N LEU D 164 20.10 -16.33 42.58
CA LEU D 164 19.36 -17.59 42.57
C LEU D 164 20.10 -18.70 41.83
N TYR D 165 21.30 -18.42 41.31
CA TYR D 165 22.01 -19.41 40.51
C TYR D 165 22.35 -20.64 41.35
N GLU D 166 22.22 -21.81 40.72
CA GLU D 166 22.75 -23.03 41.30
C GLU D 166 24.21 -23.19 40.86
N VAL D 167 24.83 -24.31 41.22
CA VAL D 167 26.23 -24.54 40.85
C VAL D 167 26.39 -24.56 39.33
N GLU D 168 25.52 -25.29 38.64
CA GLU D 168 25.61 -25.37 37.19
C GLU D 168 25.41 -24.02 36.52
N GLU D 169 24.45 -23.23 37.01
CA GLU D 169 24.23 -21.90 36.47
C GLU D 169 25.44 -21.00 36.65
N LEU D 170 26.05 -21.04 37.84
CA LEU D 170 27.23 -20.21 38.08
C LEU D 170 28.42 -20.65 37.23
N GLU D 171 28.55 -21.96 36.96
CA GLU D 171 29.63 -22.41 36.10
C GLU D 171 29.39 -21.99 34.64
N THR D 172 28.14 -22.07 34.18
CA THR D 172 27.81 -21.59 32.85
C THR D 172 27.97 -20.07 32.75
N ALA D 173 27.51 -19.33 33.77
CA ALA D 173 27.63 -17.88 33.72
C ALA D 173 29.09 -17.44 33.80
N THR D 174 29.92 -18.18 34.52
CA THR D 174 31.32 -17.77 34.69
C THR D 174 32.07 -17.83 33.36
N GLU D 175 31.83 -18.87 32.56
CA GLU D 175 32.56 -19.00 31.30
C GLU D 175 32.03 -18.05 30.23
N ARG D 176 30.75 -17.67 30.30
CA ARG D 176 30.18 -16.82 29.26
C ARG D 176 30.71 -15.39 29.36
N TYR D 177 30.78 -14.84 30.58
CA TYR D 177 31.18 -13.45 30.76
C TYR D 177 32.62 -13.29 31.19
N LEU D 178 33.23 -14.33 31.76
CA LEU D 178 34.60 -14.28 32.22
C LEU D 178 35.54 -15.21 31.46
N HIS D 179 35.00 -16.08 30.60
CA HIS D 179 35.79 -16.90 29.67
C HIS D 179 36.84 -17.76 30.39
N VAL D 180 36.37 -18.62 31.28
CA VAL D 180 37.23 -19.55 32.00
C VAL D 180 36.50 -20.87 32.17
N ARG D 181 37.25 -21.97 32.18
CA ARG D 181 36.73 -23.28 32.56
C ARG D 181 36.88 -23.41 34.07
N PRO D 182 35.80 -23.34 34.85
CA PRO D 182 35.94 -23.23 36.30
C PRO D 182 36.18 -24.57 36.98
N GLN D 183 36.85 -24.50 38.14
CA GLN D 183 37.25 -25.65 38.95
C GLN D 183 37.30 -25.22 40.40
N PRO D 184 36.96 -26.11 41.34
CA PRO D 184 37.05 -25.73 42.76
C PRO D 184 38.50 -25.57 43.18
N LEU D 185 38.71 -24.90 44.31
CA LEU D 185 40.08 -24.59 44.72
C LEU D 185 40.66 -25.63 45.67
N ALA D 186 40.07 -25.79 46.86
CA ALA D 186 40.50 -26.82 47.80
C ALA D 186 40.07 -28.21 47.39
N GLY D 187 39.14 -28.31 46.45
CA GLY D 187 38.55 -29.56 46.02
C GLY D 187 37.33 -30.00 46.80
N GLU D 188 37.05 -29.36 47.93
CA GLU D 188 35.88 -29.65 48.76
C GLU D 188 35.03 -28.39 48.84
N ASP D 189 34.00 -28.44 49.69
CA ASP D 189 33.02 -27.37 49.90
C ASP D 189 32.24 -27.03 48.63
N PRO D 190 31.38 -27.93 48.15
CA PRO D 190 30.54 -27.59 46.99
C PRO D 190 29.68 -26.35 47.24
N PRO D 191 29.06 -26.18 48.45
CA PRO D 191 28.25 -24.97 48.65
C PRO D 191 29.07 -23.70 48.88
N ALA D 192 30.13 -23.81 49.69
CA ALA D 192 30.93 -22.63 50.02
C ALA D 192 31.66 -22.08 48.79
N TYR D 193 32.08 -22.94 47.87
CA TYR D 193 32.69 -22.44 46.64
C TYR D 193 31.64 -21.80 45.74
N GLN D 194 30.46 -22.41 45.66
CA GLN D 194 29.36 -21.85 44.89
C GLN D 194 29.01 -20.45 45.37
N ALA D 195 28.89 -20.28 46.69
CA ALA D 195 28.61 -18.95 47.23
C ALA D 195 29.75 -17.99 46.95
N ARG D 196 30.99 -18.49 46.87
CA ARG D 196 32.12 -17.62 46.55
C ARG D 196 32.02 -17.13 45.10
N LEU D 197 31.63 -18.01 44.17
CA LEU D 197 31.51 -17.63 42.78
C LEU D 197 30.50 -16.49 42.61
N LEU D 198 29.40 -16.54 43.37
CA LEU D 198 28.43 -15.45 43.35
C LEU D 198 29.11 -14.13 43.70
N GLN D 199 30.04 -14.16 44.66
CA GLN D 199 30.73 -12.94 45.06
C GLN D 199 31.64 -12.43 43.95
N LYS D 200 32.35 -13.34 43.27
CA LYS D 200 33.24 -12.93 42.19
C LYS D 200 32.46 -12.30 41.05
N LEU D 201 31.34 -12.93 40.67
CA LEU D 201 30.54 -12.44 39.55
C LEU D 201 29.86 -11.11 39.87
N THR D 202 29.31 -10.97 41.08
CA THR D 202 28.57 -9.75 41.42
C THR D 202 29.46 -8.52 41.52
N GLU D 203 30.72 -8.67 41.94
CA GLU D 203 31.59 -7.52 42.10
C GLU D 203 32.31 -7.11 40.82
N GLU D 204 32.37 -7.98 39.82
CA GLU D 204 33.19 -7.72 38.64
C GLU D 204 32.39 -7.64 37.35
N VAL D 205 31.31 -8.41 37.21
CA VAL D 205 30.44 -8.29 36.05
C VAL D 205 29.17 -7.60 36.52
N PRO D 206 28.98 -6.33 36.21
CA PRO D 206 27.78 -5.62 36.67
C PRO D 206 26.56 -6.05 35.88
N LEU D 207 25.39 -5.74 36.45
CA LEU D 207 24.17 -5.88 35.68
C LEU D 207 24.17 -4.88 34.53
N GLY D 208 23.35 -5.15 33.52
CA GLY D 208 23.34 -4.31 32.33
C GLY D 208 23.14 -2.83 32.60
N GLN D 209 24.12 -2.02 32.23
CA GLN D 209 24.07 -0.59 32.48
C GLN D 209 23.31 0.17 31.41
N SER D 210 22.82 -0.53 30.39
CA SER D 210 22.01 0.08 29.34
C SER D 210 20.66 -0.60 29.20
N ILE D 211 20.28 -1.43 30.16
CA ILE D 211 18.94 -2.02 30.16
C ILE D 211 17.93 -0.96 30.59
N PRO D 212 16.84 -0.79 29.87
CA PRO D 212 15.84 0.21 30.28
C PRO D 212 15.18 -0.12 31.60
N ARG D 213 15.47 0.70 32.62
CA ARG D 213 14.94 0.51 33.96
C ARG D 213 14.17 1.72 34.44
N ARG D 214 13.99 2.75 33.61
CA ARG D 214 13.32 3.96 34.05
C ARG D 214 11.89 3.69 34.52
N ARG D 215 11.24 2.66 33.98
CA ARG D 215 9.89 2.25 34.40
C ARG D 215 8.94 3.45 34.47
#